data_8JE6
#
_entry.id   8JE6
#
_cell.length_a   80.978
_cell.length_b   69.798
_cell.length_c   106.839
_cell.angle_alpha   90.00
_cell.angle_beta   105.39
_cell.angle_gamma   90.00
#
_symmetry.space_group_name_H-M   'P 1 21 1'
#
loop_
_entity.id
_entity.type
_entity.pdbx_description
1 polymer 'PROLYL-TRNA SYNTHETASE'
2 non-polymer 'PHOSPHOAMINOPHOSPHONIC ACID-ADENYLATE ESTER'
3 non-polymer 7-bromo-6-chloro-3-{3-[(2R,3S)-3-hydroxypiperidin-2-yl]-2-oxopropyl}quinazolin-4(3H)-one
4 non-polymer 'MAGNESIUM ION'
5 non-polymer 'ZINC ION'
#
_entity_poly.entity_id   1
_entity_poly.type   'polypeptide(L)'
_entity_poly.pdbx_seq_one_letter_code
;MTRLGLEATKEDNLPDWYSQVITKGEMIEYYDVSGCYILRHWSFAIWKAIRNWFDAEITRLGVKECYFPIFVSRAALERE
KTHIADFAPEVAWVTKSGDSELAEPIAVRPTSETVMYPAYAKWIQSYRDLPIRLNQWNNVVRWEFKHPQPFLRTREFLWQ
EGHTAFATQKEADEEVLTILDLYAKVYTDLLAIPVVKGRKTEKEKFAGGDYTTTVEAYISASGRAIQGATSHHLGQNFSR
MFDIVYEHPETKEKEYVFQNSWGITTRTIGVMIMVHADNQGLVLPPRVACIQVVIVPCGITATTTDDERRRLYESCRELE
QTFVKAGIRCEGDYRDNYSPGWKYNHWELKGVPVRIELGFKDLQNDQFVAVRRDNGAKQTIKRAQATVEMPKLLETIHTS
MYERAERDLQSHTKLTKQWAEFLQFLETKNIIMAPFCGEISCEDRIKAESARDDAEAEAGAPAMGAKSLCIPFEQPAKID
PKVDKCVHPACGRVAKFYTLFGRSY
;
_entity_poly.pdbx_strand_id   A,B
#
# COMPACT_ATOMS: atom_id res chain seq x y z
N LEU A 6 -11.82 -29.45 9.26
CA LEU A 6 -13.08 -28.77 8.95
C LEU A 6 -14.26 -29.56 9.48
N GLU A 7 -15.05 -28.93 10.34
CA GLU A 7 -16.15 -29.62 10.98
C GLU A 7 -17.38 -29.65 10.08
N ALA A 8 -17.74 -28.49 9.52
CA ALA A 8 -18.93 -28.36 8.70
C ALA A 8 -18.58 -28.53 7.23
N THR A 9 -19.61 -28.84 6.43
CA THR A 9 -19.43 -29.09 5.01
C THR A 9 -19.94 -27.92 4.18
N LYS A 10 -19.38 -27.79 2.97
CA LYS A 10 -19.78 -26.70 2.11
C LYS A 10 -21.23 -26.84 1.71
N GLU A 11 -21.71 -28.07 1.58
CA GLU A 11 -23.04 -28.32 1.00
C GLU A 11 -24.15 -28.06 2.02
N ASP A 12 -24.02 -28.62 3.21
CA ASP A 12 -24.89 -28.30 4.33
C ASP A 12 -24.21 -27.24 5.19
N ASN A 13 -24.92 -26.15 5.49
CA ASN A 13 -24.39 -25.08 6.33
C ASN A 13 -23.19 -24.39 5.66
N LEU A 14 -23.54 -23.59 4.65
CA LEU A 14 -22.54 -22.80 3.95
C LEU A 14 -21.89 -21.74 4.83
N PRO A 15 -22.62 -20.96 5.63
CA PRO A 15 -21.97 -19.86 6.36
C PRO A 15 -20.94 -20.36 7.37
N ASP A 16 -21.23 -21.52 7.93
CA ASP A 16 -20.46 -22.07 9.00
C ASP A 16 -19.27 -22.83 8.41
N TRP A 17 -19.44 -23.36 7.21
CA TRP A 17 -18.31 -23.82 6.42
C TRP A 17 -17.36 -22.68 6.05
N TYR A 18 -17.89 -21.56 5.52
CA TYR A 18 -17.08 -20.40 5.16
C TYR A 18 -16.28 -19.90 6.35
N SER A 19 -16.92 -19.82 7.52
CA SER A 19 -16.20 -19.39 8.72
C SER A 19 -15.07 -20.36 9.03
N GLN A 20 -15.37 -21.66 9.00
CA GLN A 20 -14.33 -22.67 9.28
C GLN A 20 -13.17 -22.58 8.28
N VAL A 21 -13.43 -22.50 6.99
CA VAL A 21 -12.30 -22.47 6.08
C VAL A 21 -11.48 -21.20 6.30
N ILE A 22 -12.13 -20.03 6.28
CA ILE A 22 -11.36 -18.78 6.39
C ILE A 22 -10.64 -18.62 7.73
N THR A 23 -11.07 -19.32 8.78
CA THR A 23 -10.28 -19.21 10.00
C THR A 23 -9.21 -20.29 10.05
N LYS A 24 -9.61 -21.55 9.90
CA LYS A 24 -8.61 -22.63 9.98
C LYS A 24 -7.64 -22.59 8.82
N GLY A 25 -7.96 -21.85 7.76
CA GLY A 25 -7.02 -21.63 6.68
C GLY A 25 -6.11 -20.48 6.92
N GLU A 26 -6.32 -19.79 8.05
CA GLU A 26 -5.41 -18.76 8.58
C GLU A 26 -5.38 -17.49 7.73
N MET A 27 -6.54 -17.03 7.30
CA MET A 27 -6.60 -15.76 6.60
C MET A 27 -7.35 -14.67 7.34
N ILE A 28 -8.31 -15.05 8.15
CA ILE A 28 -9.19 -14.13 8.84
C ILE A 28 -8.85 -14.24 10.31
N GLU A 29 -9.00 -13.13 11.02
CA GLU A 29 -9.20 -13.19 12.45
C GLU A 29 -10.38 -12.30 12.80
N TYR A 30 -11.40 -12.88 13.43
CA TYR A 30 -12.57 -12.08 13.72
C TYR A 30 -12.21 -10.94 14.66
N TYR A 31 -13.04 -9.90 14.67
CA TYR A 31 -12.65 -8.65 15.24
C TYR A 31 -13.81 -8.04 16.02
N ASP A 32 -13.48 -7.26 17.04
CA ASP A 32 -14.50 -6.82 17.97
C ASP A 32 -15.18 -5.53 17.52
N VAL A 33 -14.87 -5.01 16.35
CA VAL A 33 -15.64 -3.95 15.69
C VAL A 33 -16.38 -4.58 14.51
N SER A 34 -17.71 -4.70 14.64
CA SER A 34 -18.53 -5.48 13.73
C SER A 34 -18.25 -5.12 12.27
N GLY A 35 -17.97 -6.13 11.43
CA GLY A 35 -17.80 -5.97 10.01
C GLY A 35 -16.40 -5.66 9.54
N CYS A 36 -15.42 -5.67 10.43
CA CYS A 36 -14.01 -5.59 10.10
C CYS A 36 -13.37 -6.89 10.56
N TYR A 37 -12.29 -7.28 9.86
CA TYR A 37 -11.72 -8.60 9.98
C TYR A 37 -10.22 -8.47 9.81
N ILE A 38 -9.47 -9.10 10.70
CA ILE A 38 -8.02 -9.05 10.62
C ILE A 38 -7.55 -9.86 9.42
N LEU A 39 -6.86 -9.22 8.49
CA LEU A 39 -6.25 -9.90 7.35
C LEU A 39 -4.90 -10.45 7.76
N ARG A 40 -4.80 -11.76 7.89
CA ARG A 40 -3.55 -12.41 8.24
C ARG A 40 -2.62 -12.43 7.03
N HIS A 41 -1.40 -12.87 7.29
CA HIS A 41 -0.35 -12.81 6.27
C HIS A 41 -0.77 -13.53 4.99
N TRP A 42 -1.47 -14.67 5.13
CA TRP A 42 -1.85 -15.51 3.99
C TRP A 42 -2.77 -14.77 3.01
N SER A 43 -3.93 -14.31 3.49
CA SER A 43 -4.85 -13.60 2.62
C SER A 43 -4.17 -12.35 2.09
N PHE A 44 -3.45 -11.65 2.94
CA PHE A 44 -2.87 -10.42 2.47
C PHE A 44 -1.86 -10.67 1.35
N ALA A 45 -1.19 -11.82 1.36
CA ALA A 45 -0.28 -12.14 0.26
C ALA A 45 -1.07 -12.27 -1.02
N ILE A 46 -2.26 -12.88 -0.92
CA ILE A 46 -3.14 -12.99 -2.11
C ILE A 46 -3.49 -11.60 -2.64
N TRP A 47 -3.90 -10.71 -1.72
CA TRP A 47 -4.23 -9.35 -2.11
C TRP A 47 -3.03 -8.65 -2.73
N LYS A 48 -1.86 -8.86 -2.17
CA LYS A 48 -0.65 -8.19 -2.64
C LYS A 48 -0.35 -8.57 -4.07
N ALA A 49 -0.45 -9.85 -4.39
CA ALA A 49 -0.24 -10.27 -5.77
C ALA A 49 -1.24 -9.60 -6.71
N ILE A 50 -2.53 -9.64 -6.37
CA ILE A 50 -3.52 -9.00 -7.25
C ILE A 50 -3.18 -7.52 -7.44
N ARG A 51 -2.85 -6.85 -6.36
CA ARG A 51 -2.54 -5.43 -6.40
C ARG A 51 -1.33 -5.15 -7.29
N ASN A 52 -0.26 -5.91 -7.13
CA ASN A 52 0.94 -5.62 -7.90
C ASN A 52 0.70 -5.87 -9.37
N TRP A 53 -0.01 -6.94 -9.70
CA TRP A 53 -0.39 -7.18 -11.09
C TRP A 53 -1.12 -6.00 -11.66
N PHE A 54 -2.24 -5.62 -11.03
CA PHE A 54 -3.06 -4.54 -11.59
C PHE A 54 -2.30 -3.22 -11.60
N ASP A 55 -1.42 -3.00 -10.63
CA ASP A 55 -0.71 -1.73 -10.65
C ASP A 55 0.34 -1.70 -11.74
N ALA A 56 1.03 -2.81 -11.96
CA ALA A 56 1.94 -2.88 -13.10
C ALA A 56 1.20 -2.53 -14.38
N GLU A 57 0.01 -3.11 -14.53
CA GLU A 57 -0.78 -2.88 -15.73
C GLU A 57 -1.16 -1.42 -15.91
N ILE A 58 -1.73 -0.81 -14.85
CA ILE A 58 -2.28 0.52 -15.04
C ILE A 58 -1.19 1.59 -15.07
N THR A 59 -0.05 1.36 -14.43
CA THR A 59 0.98 2.36 -14.61
C THR A 59 1.68 2.18 -15.95
N ARG A 60 1.70 0.96 -16.49
CA ARG A 60 2.15 0.77 -17.87
C ARG A 60 1.26 1.49 -18.86
N LEU A 61 -0.05 1.53 -18.60
CA LEU A 61 -0.90 2.28 -19.54
C LEU A 61 -0.68 3.79 -19.39
N GLY A 62 -0.23 4.23 -18.22
CA GLY A 62 0.03 5.63 -17.92
C GLY A 62 -0.72 6.24 -16.74
N VAL A 63 -1.47 5.44 -15.99
CA VAL A 63 -2.17 6.03 -14.86
C VAL A 63 -1.17 6.27 -13.74
N LYS A 64 -1.27 7.46 -13.15
CA LYS A 64 -0.44 7.84 -12.01
C LYS A 64 -1.17 7.64 -10.69
N GLU A 65 -0.38 7.57 -9.63
CA GLU A 65 -0.87 7.21 -8.30
C GLU A 65 -0.65 8.37 -7.35
N CYS A 66 -1.65 8.63 -6.50
CA CYS A 66 -1.60 9.73 -5.52
C CYS A 66 -2.28 9.23 -4.25
N TYR A 67 -2.46 10.13 -3.28
CA TYR A 67 -3.12 9.73 -2.04
C TYR A 67 -3.72 10.95 -1.36
N PHE A 68 -5.02 11.02 -1.36
CA PHE A 68 -5.80 12.04 -0.67
C PHE A 68 -6.06 11.60 0.77
N PRO A 69 -6.36 12.54 1.68
CA PRO A 69 -6.56 12.15 3.08
C PRO A 69 -7.76 11.21 3.25
N ILE A 70 -7.73 10.41 4.31
CA ILE A 70 -8.87 9.54 4.60
C ILE A 70 -10.09 10.29 5.03
N PHE A 71 -9.92 11.55 5.44
CA PHE A 71 -10.98 12.35 6.00
C PHE A 71 -11.57 13.29 4.95
N VAL A 72 -12.88 13.48 5.03
CA VAL A 72 -13.67 14.33 4.12
C VAL A 72 -14.41 15.39 4.93
N SER A 73 -14.21 16.67 4.57
CA SER A 73 -15.06 17.78 5.04
C SER A 73 -16.54 17.46 4.85
N ARG A 74 -17.36 17.85 5.81
CA ARG A 74 -18.81 17.74 5.61
C ARG A 74 -19.22 18.45 4.33
N ALA A 75 -18.77 19.70 4.16
CA ALA A 75 -19.22 20.48 3.01
C ALA A 75 -18.79 19.82 1.70
N ALA A 76 -17.54 19.34 1.63
CA ALA A 76 -17.08 18.63 0.45
C ALA A 76 -18.01 17.50 0.09
N LEU A 77 -18.32 16.67 1.09
CA LEU A 77 -19.19 15.53 0.90
C LEU A 77 -20.61 15.98 0.57
N GLU A 78 -21.06 17.10 1.13
CA GLU A 78 -22.42 17.56 0.86
C GLU A 78 -22.39 18.60 -0.28
N ARG A 79 -22.09 18.13 -1.47
CA ARG A 79 -21.97 19.04 -2.61
C ARG A 79 -21.99 18.24 -3.93
N ASP A 86 -29.11 9.69 0.27
CA ASP A 86 -28.99 8.48 -0.56
C ASP A 86 -28.09 7.40 0.13
N PHE A 87 -26.78 7.65 0.18
CA PHE A 87 -25.88 6.83 0.97
C PHE A 87 -25.60 7.40 2.35
N ALA A 88 -26.35 8.41 2.79
CA ALA A 88 -26.04 9.09 4.04
C ALA A 88 -25.89 8.17 5.25
N PRO A 89 -26.72 7.13 5.46
CA PRO A 89 -26.58 6.31 6.67
C PRO A 89 -25.31 5.47 6.75
N GLU A 90 -24.49 5.44 5.69
CA GLU A 90 -23.27 4.63 5.65
C GLU A 90 -22.01 5.44 5.97
N VAL A 91 -22.14 6.72 6.33
CA VAL A 91 -20.99 7.60 6.56
C VAL A 91 -20.59 7.60 8.03
N ALA A 92 -19.31 7.31 8.29
CA ALA A 92 -18.75 7.36 9.65
C ALA A 92 -18.15 8.73 9.91
N TRP A 93 -18.55 9.35 11.02
CA TRP A 93 -18.22 10.73 11.36
C TRP A 93 -17.28 10.75 12.54
N VAL A 94 -16.07 11.27 12.34
CA VAL A 94 -15.27 11.65 13.49
C VAL A 94 -15.80 12.97 14.02
N THR A 95 -16.20 12.98 15.27
CA THR A 95 -16.71 14.18 15.89
C THR A 95 -15.81 14.68 17.03
N LYS A 96 -14.90 13.87 17.54
CA LYS A 96 -14.23 14.14 18.78
C LYS A 96 -12.75 13.86 18.65
N SER A 97 -11.92 14.73 19.20
CA SER A 97 -10.49 14.47 19.32
C SER A 97 -10.23 14.21 20.80
N GLY A 98 -10.55 12.99 21.23
CA GLY A 98 -10.32 12.61 22.60
C GLY A 98 -11.45 13.05 23.49
N ASP A 99 -11.22 14.18 24.17
CA ASP A 99 -12.19 14.87 25.00
C ASP A 99 -12.92 15.94 24.19
N SER A 100 -12.13 16.71 23.46
CA SER A 100 -12.58 17.90 22.78
C SER A 100 -13.32 17.56 21.49
N GLU A 101 -14.50 18.11 21.32
CA GLU A 101 -15.27 17.94 20.12
C GLU A 101 -14.71 18.89 19.14
N LEU A 102 -14.78 18.52 17.88
CA LEU A 102 -14.11 19.22 16.79
C LEU A 102 -14.98 20.30 16.18
N ALA A 103 -14.32 21.37 15.70
CA ALA A 103 -15.02 22.49 15.07
C ALA A 103 -16.04 22.02 14.05
N GLU A 104 -15.56 21.48 12.96
CA GLU A 104 -16.47 20.80 12.09
C GLU A 104 -16.25 19.30 12.24
N PRO A 105 -17.30 18.48 12.14
CA PRO A 105 -17.10 17.03 12.10
C PRO A 105 -16.51 16.61 10.76
N ILE A 106 -15.76 15.52 10.80
CA ILE A 106 -15.15 14.99 9.58
C ILE A 106 -15.64 13.58 9.35
N ALA A 107 -15.69 13.20 8.08
CA ALA A 107 -16.20 11.91 7.65
C ALA A 107 -15.05 11.06 7.17
N VAL A 108 -15.11 9.76 7.45
CA VAL A 108 -14.14 8.84 6.85
C VAL A 108 -14.56 8.55 5.42
N ARG A 109 -13.62 8.65 4.50
CA ARG A 109 -13.90 8.45 3.10
C ARG A 109 -14.59 7.20 2.76
N PRO A 110 -15.59 7.28 1.92
CA PRO A 110 -16.32 6.14 1.46
C PRO A 110 -16.07 5.81 -0.03
N THR A 111 -15.50 6.79 -0.69
CA THR A 111 -15.10 6.96 -2.06
C THR A 111 -14.55 8.36 -2.20
N SER A 112 -13.90 8.70 -3.30
CA SER A 112 -13.23 10.00 -3.32
C SER A 112 -13.68 10.96 -4.41
N GLU A 113 -14.81 10.71 -5.08
CA GLU A 113 -15.27 11.64 -6.09
C GLU A 113 -15.42 13.06 -5.55
N THR A 114 -16.11 13.19 -4.40
CA THR A 114 -16.38 14.45 -3.73
C THR A 114 -15.14 15.28 -3.47
N VAL A 115 -13.97 14.65 -3.46
CA VAL A 115 -12.74 15.28 -3.03
C VAL A 115 -11.75 15.40 -4.18
N MET A 116 -11.68 14.38 -5.03
CA MET A 116 -10.77 14.40 -6.15
C MET A 116 -11.27 15.31 -7.28
N TYR A 117 -12.61 15.45 -7.45
CA TYR A 117 -13.08 16.21 -8.61
C TYR A 117 -12.92 17.72 -8.42
N PRO A 118 -13.06 18.26 -7.22
CA PRO A 118 -12.62 19.66 -7.00
C PRO A 118 -11.15 19.89 -7.31
N ALA A 119 -10.27 18.98 -6.90
CA ALA A 119 -8.87 19.05 -7.30
C ALA A 119 -8.72 19.01 -8.81
N TYR A 120 -9.53 18.18 -9.47
CA TYR A 120 -9.50 18.13 -10.92
C TYR A 120 -9.87 19.47 -11.53
N ALA A 121 -10.92 20.10 -11.01
CA ALA A 121 -11.31 21.42 -11.47
C ALA A 121 -10.19 22.43 -11.27
N LYS A 122 -9.47 22.30 -10.16
CA LYS A 122 -8.32 23.17 -9.94
C LYS A 122 -7.16 22.83 -10.87
N TRP A 123 -7.02 21.56 -11.24
CA TRP A 123 -5.85 21.12 -11.95
C TRP A 123 -5.93 21.28 -13.46
N ILE A 124 -7.12 21.22 -14.06
CA ILE A 124 -7.25 21.42 -15.52
C ILE A 124 -7.38 22.92 -15.73
N GLN A 125 -6.24 23.56 -15.96
CA GLN A 125 -6.26 24.95 -16.31
C GLN A 125 -6.43 25.14 -17.82
N SER A 126 -6.11 24.11 -18.60
CA SER A 126 -6.14 24.21 -20.04
C SER A 126 -6.49 22.85 -20.66
N TYR A 127 -6.78 22.88 -21.96
CA TYR A 127 -6.86 21.63 -22.69
C TYR A 127 -5.52 20.90 -22.66
N ARG A 128 -4.42 21.63 -22.50
CA ARG A 128 -3.09 21.01 -22.52
C ARG A 128 -2.85 20.08 -21.35
N ASP A 129 -3.56 20.28 -20.23
CA ASP A 129 -3.32 19.40 -19.08
C ASP A 129 -4.03 18.06 -19.24
N LEU A 130 -4.65 17.83 -20.36
CA LEU A 130 -5.44 16.62 -20.46
C LEU A 130 -4.69 15.51 -21.20
N PRO A 131 -4.87 14.25 -20.79
CA PRO A 131 -5.80 13.74 -19.78
C PRO A 131 -5.22 13.64 -18.38
N ILE A 132 -6.08 13.68 -17.35
CA ILE A 132 -5.65 13.38 -15.98
C ILE A 132 -6.11 11.97 -15.67
N ARG A 133 -5.17 11.10 -15.32
CA ARG A 133 -5.49 9.68 -15.15
C ARG A 133 -4.81 9.24 -13.85
N LEU A 134 -5.58 9.26 -12.78
CA LEU A 134 -5.03 9.06 -11.47
C LEU A 134 -5.61 7.80 -10.84
N ASN A 135 -4.82 7.19 -9.97
CA ASN A 135 -5.24 6.02 -9.24
C ASN A 135 -4.76 6.16 -7.80
N GLN A 136 -5.58 5.69 -6.87
CA GLN A 136 -5.08 5.52 -5.52
C GLN A 136 -5.48 4.15 -5.00
N TRP A 137 -4.51 3.49 -4.39
CA TRP A 137 -4.75 2.32 -3.55
C TRP A 137 -5.01 2.83 -2.14
N ASN A 138 -6.22 2.63 -1.65
CA ASN A 138 -6.49 3.11 -0.30
C ASN A 138 -7.58 2.26 0.33
N ASN A 139 -7.93 2.60 1.56
CA ASN A 139 -8.97 1.91 2.32
C ASN A 139 -10.16 2.84 2.49
N VAL A 140 -11.35 2.26 2.52
CA VAL A 140 -12.57 3.03 2.66
C VAL A 140 -13.51 2.30 3.61
N VAL A 141 -14.43 3.09 4.19
CA VAL A 141 -15.36 2.64 5.22
C VAL A 141 -16.78 2.95 4.74
N ARG A 142 -17.66 1.96 4.83
CA ARG A 142 -19.09 2.21 4.64
C ARG A 142 -19.86 1.38 5.65
N TRP A 143 -20.71 2.03 6.44
CA TRP A 143 -21.48 1.35 7.50
C TRP A 143 -22.69 0.67 6.87
N GLU A 144 -22.42 -0.41 6.14
CA GLU A 144 -23.43 -1.01 5.29
C GLU A 144 -24.61 -1.47 6.14
N PHE A 145 -25.80 -1.29 5.59
CA PHE A 145 -27.06 -1.72 6.15
C PHE A 145 -27.32 -3.20 5.91
N LYS A 146 -26.36 -3.92 5.35
CA LYS A 146 -26.48 -5.34 5.09
C LYS A 146 -25.54 -6.15 5.97
N HIS A 147 -25.98 -7.36 6.32
CA HIS A 147 -25.15 -8.29 7.05
C HIS A 147 -23.81 -8.40 6.35
N PRO A 148 -22.70 -8.11 7.02
CA PRO A 148 -21.38 -8.25 6.40
C PRO A 148 -20.88 -9.68 6.46
N GLN A 149 -20.13 -10.04 5.42
CA GLN A 149 -19.47 -11.32 5.33
C GLN A 149 -18.01 -11.02 4.97
N PRO A 150 -17.07 -11.79 5.52
CA PRO A 150 -15.67 -11.33 5.62
C PRO A 150 -14.91 -10.85 4.40
N PHE A 151 -15.16 -11.30 3.19
CA PHE A 151 -14.46 -10.54 2.16
C PHE A 151 -15.40 -9.85 1.21
N LEU A 152 -16.59 -10.43 1.02
CA LEU A 152 -17.55 -9.97 0.05
C LEU A 152 -18.08 -8.59 0.40
N ARG A 153 -18.36 -8.35 1.67
CA ARG A 153 -18.89 -7.06 2.10
C ARG A 153 -18.36 -6.80 3.50
N THR A 154 -17.33 -5.99 3.58
CA THR A 154 -16.78 -5.59 4.86
C THR A 154 -16.95 -4.09 5.03
N ARG A 155 -17.01 -3.65 6.30
CA ARG A 155 -17.32 -2.26 6.63
C ARG A 155 -16.12 -1.35 6.40
N GLU A 156 -14.92 -1.83 6.63
CA GLU A 156 -13.76 -1.25 5.99
C GLU A 156 -13.32 -2.26 4.95
N PHE A 157 -12.92 -1.76 3.78
CA PHE A 157 -12.29 -2.62 2.79
C PHE A 157 -11.25 -1.83 2.02
N LEU A 158 -10.25 -2.55 1.53
CA LEU A 158 -9.21 -1.95 0.72
C LEU A 158 -9.52 -2.10 -0.77
N TRP A 159 -9.12 -1.11 -1.55
CA TRP A 159 -9.38 -1.19 -2.97
C TRP A 159 -8.37 -0.35 -3.72
N GLN A 160 -8.66 -0.16 -4.99
CA GLN A 160 -8.00 0.77 -5.84
C GLN A 160 -9.11 1.49 -6.54
N GLU A 161 -9.15 2.80 -6.50
CA GLU A 161 -10.07 3.63 -7.28
C GLU A 161 -9.24 4.44 -8.25
N GLY A 162 -9.59 4.35 -9.52
CA GLY A 162 -8.97 5.16 -10.57
C GLY A 162 -10.01 6.10 -11.12
N HIS A 163 -9.61 7.37 -11.30
CA HIS A 163 -10.49 8.42 -11.78
C HIS A 163 -9.78 9.15 -12.89
N THR A 164 -10.49 9.39 -13.99
CA THR A 164 -9.86 9.83 -15.22
C THR A 164 -10.73 10.86 -15.94
N ALA A 165 -10.05 11.80 -16.61
CA ALA A 165 -10.67 12.90 -17.32
C ALA A 165 -9.96 13.12 -18.65
N PHE A 166 -10.78 13.28 -19.70
CA PHE A 166 -10.37 13.20 -21.09
C PHE A 166 -11.09 14.28 -21.88
N ALA A 167 -10.38 14.82 -22.88
CA ALA A 167 -10.98 15.80 -23.80
C ALA A 167 -12.11 15.18 -24.60
N THR A 168 -11.87 14.04 -25.25
CA THR A 168 -12.89 13.45 -26.09
C THR A 168 -13.53 12.23 -25.45
N GLN A 169 -14.80 12.00 -25.83
CA GLN A 169 -15.56 10.88 -25.29
C GLN A 169 -15.00 9.54 -25.73
N LYS A 170 -14.36 9.49 -26.91
CA LYS A 170 -13.79 8.24 -27.40
C LYS A 170 -12.77 7.68 -26.42
N GLU A 171 -11.78 8.49 -26.03
CA GLU A 171 -10.76 8.07 -25.09
C GLU A 171 -11.37 7.46 -23.85
N ALA A 172 -12.44 8.08 -23.35
CA ALA A 172 -13.09 7.60 -22.15
C ALA A 172 -13.70 6.23 -22.36
N ASP A 173 -14.48 6.07 -23.46
CA ASP A 173 -15.09 4.77 -23.75
C ASP A 173 -14.03 3.67 -23.82
N GLU A 174 -12.89 3.99 -24.43
CA GLU A 174 -11.84 3.00 -24.62
C GLU A 174 -11.23 2.60 -23.30
N GLU A 175 -10.95 3.57 -22.44
CA GLU A 175 -10.34 3.19 -21.19
C GLU A 175 -11.31 2.39 -20.34
N VAL A 176 -12.59 2.76 -20.38
CA VAL A 176 -13.61 1.98 -19.68
C VAL A 176 -13.46 0.51 -20.03
N LEU A 177 -13.42 0.20 -21.34
CA LEU A 177 -13.39 -1.22 -21.75
C LEU A 177 -12.04 -1.87 -21.47
N THR A 178 -10.94 -1.14 -21.67
CA THR A 178 -9.61 -1.65 -21.34
C THR A 178 -9.52 -2.07 -19.88
N ILE A 179 -9.92 -1.15 -18.98
CA ILE A 179 -9.91 -1.42 -17.55
C ILE A 179 -10.79 -2.61 -17.22
N LEU A 180 -11.98 -2.67 -17.85
CA LEU A 180 -12.87 -3.81 -17.57
C LEU A 180 -12.21 -5.13 -17.97
N ASP A 181 -11.47 -5.13 -19.08
CA ASP A 181 -10.73 -6.31 -19.48
C ASP A 181 -9.66 -6.68 -18.46
N LEU A 182 -8.95 -5.68 -17.91
CA LEU A 182 -7.97 -5.94 -16.84
C LEU A 182 -8.62 -6.56 -15.59
N TYR A 183 -9.79 -6.06 -15.18
CA TYR A 183 -10.52 -6.66 -14.07
C TYR A 183 -10.81 -8.13 -14.35
N ALA A 184 -11.43 -8.40 -15.51
CA ALA A 184 -11.74 -9.78 -15.89
C ALA A 184 -10.49 -10.63 -15.95
N LYS A 185 -9.35 -10.05 -16.33
CA LYS A 185 -8.11 -10.83 -16.33
C LYS A 185 -7.66 -11.16 -14.92
N VAL A 186 -7.79 -10.22 -13.98
CA VAL A 186 -7.51 -10.55 -12.60
C VAL A 186 -8.31 -11.76 -12.20
N TYR A 187 -9.54 -11.83 -12.67
CA TYR A 187 -10.38 -12.94 -12.26
C TYR A 187 -10.01 -14.25 -12.96
N THR A 188 -9.76 -14.22 -14.27
CA THR A 188 -9.56 -15.49 -15.02
C THR A 188 -8.11 -15.94 -15.09
N ASP A 189 -7.15 -15.02 -15.16
CA ASP A 189 -5.71 -15.30 -15.22
C ASP A 189 -5.05 -15.37 -13.85
N LEU A 190 -5.55 -14.62 -12.87
CA LEU A 190 -5.00 -14.64 -11.52
C LEU A 190 -5.79 -15.57 -10.60
N LEU A 191 -7.12 -15.44 -10.58
CA LEU A 191 -7.89 -16.19 -9.59
C LEU A 191 -8.55 -17.43 -10.16
N ALA A 192 -8.47 -17.64 -11.48
CA ALA A 192 -9.03 -18.82 -12.12
C ALA A 192 -10.54 -18.92 -11.90
N ILE A 193 -11.24 -17.80 -12.03
CA ILE A 193 -12.70 -17.75 -11.91
C ILE A 193 -13.25 -17.26 -13.25
N PRO A 194 -14.29 -17.91 -13.81
CA PRO A 194 -14.90 -17.39 -15.03
C PRO A 194 -15.89 -16.26 -14.73
N VAL A 195 -15.87 -15.22 -15.57
CA VAL A 195 -16.66 -14.03 -15.31
C VAL A 195 -17.37 -13.55 -16.56
N VAL A 196 -18.56 -13.02 -16.37
CA VAL A 196 -19.39 -12.50 -17.46
C VAL A 196 -19.19 -11.00 -17.54
N LYS A 197 -18.68 -10.53 -18.68
CA LYS A 197 -18.59 -9.09 -18.94
C LYS A 197 -19.96 -8.58 -19.35
N GLY A 198 -20.32 -7.42 -18.81
CA GLY A 198 -21.60 -6.86 -19.22
C GLY A 198 -21.77 -5.39 -18.91
N ARG A 199 -22.91 -4.86 -19.35
CA ARG A 199 -23.38 -3.53 -19.00
C ARG A 199 -24.44 -3.63 -17.91
N LYS A 200 -24.40 -2.70 -16.97
CA LYS A 200 -25.42 -2.71 -15.94
C LYS A 200 -26.68 -2.03 -16.45
N THR A 201 -27.83 -2.53 -16.01
CA THR A 201 -29.09 -1.92 -16.39
C THR A 201 -29.17 -0.50 -15.86
N GLU A 202 -30.17 0.25 -16.35
CA GLU A 202 -30.37 1.58 -15.82
C GLU A 202 -30.61 1.54 -14.31
N LYS A 203 -31.24 0.48 -13.81
CA LYS A 203 -31.51 0.39 -12.39
C LYS A 203 -30.25 0.11 -11.57
N GLU A 204 -29.35 -0.70 -12.10
CA GLU A 204 -28.22 -1.13 -11.31
C GLU A 204 -26.94 -0.40 -11.65
N LYS A 205 -26.95 0.47 -12.65
CA LYS A 205 -25.75 1.23 -12.94
C LYS A 205 -25.47 2.24 -11.82
N PHE A 206 -24.27 2.80 -11.82
CA PHE A 206 -23.90 3.80 -10.81
C PHE A 206 -24.63 5.10 -11.14
N ALA A 207 -25.34 5.65 -10.14
CA ALA A 207 -26.31 6.73 -10.37
C ALA A 207 -25.66 7.93 -11.04
N GLY A 208 -24.50 8.34 -10.55
CA GLY A 208 -23.96 9.52 -11.18
C GLY A 208 -23.35 9.29 -12.52
N GLY A 209 -23.33 8.05 -13.01
CA GLY A 209 -22.68 7.74 -14.25
C GLY A 209 -23.57 7.85 -15.49
N ASP A 210 -22.96 7.50 -16.62
CA ASP A 210 -23.65 7.39 -17.89
C ASP A 210 -24.05 5.92 -18.07
N TYR A 211 -23.07 5.07 -18.33
CA TYR A 211 -23.28 3.64 -18.27
C TYR A 211 -22.28 3.05 -17.30
N THR A 212 -22.55 1.80 -16.91
CA THR A 212 -21.68 1.10 -15.98
C THR A 212 -21.42 -0.28 -16.56
N THR A 213 -20.15 -0.58 -16.71
CA THR A 213 -19.72 -1.94 -17.02
C THR A 213 -19.53 -2.70 -15.74
N THR A 214 -19.58 -4.03 -15.87
CA THR A 214 -19.29 -4.91 -14.75
C THR A 214 -18.75 -6.25 -15.25
N VAL A 215 -18.25 -7.00 -14.27
CA VAL A 215 -17.71 -8.33 -14.43
C VAL A 215 -18.34 -9.16 -13.31
N GLU A 216 -19.35 -9.97 -13.65
CA GLU A 216 -20.09 -10.75 -12.66
C GLU A 216 -19.55 -12.17 -12.59
N ALA A 217 -19.66 -12.77 -11.41
CA ALA A 217 -19.23 -14.14 -11.19
C ALA A 217 -20.28 -14.87 -10.38
N TYR A 218 -20.31 -16.19 -10.45
CA TYR A 218 -21.39 -16.95 -9.85
C TYR A 218 -20.84 -17.94 -8.82
N ILE A 219 -21.42 -17.94 -7.63
CA ILE A 219 -21.09 -18.94 -6.62
C ILE A 219 -22.29 -19.89 -6.47
N SER A 220 -22.10 -21.14 -6.89
CA SER A 220 -23.19 -22.09 -6.86
C SER A 220 -23.55 -22.53 -5.44
N ALA A 221 -22.57 -22.59 -4.54
CA ALA A 221 -22.86 -22.99 -3.16
C ALA A 221 -24.08 -22.24 -2.61
N SER A 222 -23.99 -20.90 -2.58
CA SER A 222 -25.11 -20.06 -2.20
C SER A 222 -26.08 -19.84 -3.37
N GLY A 223 -25.73 -20.29 -4.57
CA GLY A 223 -26.56 -20.09 -5.74
C GLY A 223 -26.72 -18.65 -6.16
N ARG A 224 -25.75 -17.79 -5.88
CA ARG A 224 -25.89 -16.36 -6.04
C ARG A 224 -24.75 -15.79 -6.87
N ALA A 225 -25.02 -14.69 -7.56
CA ALA A 225 -23.97 -14.02 -8.31
C ALA A 225 -23.41 -12.88 -7.48
N ILE A 226 -22.27 -12.35 -7.90
CA ILE A 226 -21.63 -11.26 -7.18
C ILE A 226 -20.85 -10.42 -8.17
N GLN A 227 -20.88 -9.11 -7.94
CA GLN A 227 -20.13 -8.16 -8.75
C GLN A 227 -18.67 -8.18 -8.32
N GLY A 228 -17.76 -8.49 -9.25
CA GLY A 228 -16.35 -8.58 -8.92
C GLY A 228 -15.58 -7.29 -9.06
N ALA A 229 -16.09 -6.35 -9.87
CA ALA A 229 -15.46 -5.05 -10.05
C ALA A 229 -16.41 -4.19 -10.86
N THR A 230 -16.07 -2.91 -11.00
CA THR A 230 -16.84 -2.00 -11.85
C THR A 230 -15.93 -1.02 -12.55
N SER A 231 -16.34 -0.66 -13.76
CA SER A 231 -15.73 0.37 -14.58
C SER A 231 -16.90 1.21 -15.09
N HIS A 232 -16.98 2.46 -14.66
CA HIS A 232 -18.06 3.35 -15.04
C HIS A 232 -17.58 4.34 -16.09
N HIS A 233 -18.50 4.78 -16.94
CA HIS A 233 -18.28 5.98 -17.75
C HIS A 233 -19.13 7.08 -17.17
N LEU A 234 -18.49 8.08 -16.59
CA LEU A 234 -19.24 9.18 -16.00
C LEU A 234 -19.66 10.19 -17.05
N GLY A 235 -19.01 10.19 -18.21
CA GLY A 235 -19.39 11.17 -19.20
C GLY A 235 -19.08 12.56 -18.69
N GLN A 236 -20.07 13.45 -18.82
CA GLN A 236 -19.93 14.83 -18.37
C GLN A 236 -20.79 15.17 -17.16
N ASN A 237 -21.35 14.22 -16.48
CA ASN A 237 -22.18 14.55 -15.37
C ASN A 237 -21.43 15.10 -14.24
N PHE A 238 -20.31 14.51 -13.88
CA PHE A 238 -19.52 15.01 -12.77
C PHE A 238 -18.70 16.24 -13.17
N SER A 239 -18.22 16.28 -14.42
CA SER A 239 -17.52 17.48 -14.87
C SER A 239 -18.41 18.70 -14.82
N ARG A 240 -19.72 18.50 -14.92
CA ARG A 240 -20.67 19.59 -14.83
C ARG A 240 -20.97 19.97 -13.38
N MET A 241 -21.15 18.98 -12.50
CA MET A 241 -21.36 19.28 -11.08
C MET A 241 -20.25 20.15 -10.54
N PHE A 242 -19.01 19.75 -10.77
CA PHE A 242 -17.85 20.39 -10.19
C PHE A 242 -17.17 21.34 -11.17
N ASP A 243 -17.77 21.53 -12.34
CA ASP A 243 -17.33 22.54 -13.29
C ASP A 243 -15.87 22.29 -13.66
N ILE A 244 -15.60 21.03 -14.01
CA ILE A 244 -14.30 20.61 -14.53
C ILE A 244 -14.31 20.93 -16.02
N VAL A 245 -13.72 22.07 -16.36
CA VAL A 245 -13.88 22.69 -17.68
C VAL A 245 -12.52 23.09 -18.24
N TYR A 246 -12.52 23.36 -19.55
CA TYR A 246 -11.37 23.89 -20.25
C TYR A 246 -11.88 24.70 -21.42
N GLU A 247 -11.04 25.52 -21.99
CA GLU A 247 -11.47 26.32 -23.08
C GLU A 247 -11.11 25.59 -24.28
N HIS A 248 -12.04 25.41 -25.19
CA HIS A 248 -11.77 24.65 -26.39
C HIS A 248 -10.74 25.31 -27.19
N PRO A 249 -9.86 24.54 -27.77
CA PRO A 249 -8.76 25.19 -28.44
C PRO A 249 -9.13 26.06 -29.59
N GLU A 250 -9.88 25.55 -30.54
CA GLU A 250 -10.22 26.37 -31.67
C GLU A 250 -11.16 27.44 -31.31
N THR A 251 -12.15 27.11 -30.52
CA THR A 251 -13.15 28.06 -30.24
C THR A 251 -13.13 28.35 -28.80
N LYS A 252 -12.97 29.58 -28.37
CA LYS A 252 -12.93 29.79 -26.94
C LYS A 252 -14.33 29.66 -26.45
N GLU A 253 -14.63 28.48 -25.95
CA GLU A 253 -15.93 28.15 -25.47
C GLU A 253 -15.71 27.03 -24.55
N LYS A 254 -16.47 27.09 -23.48
CA LYS A 254 -16.39 26.17 -22.36
C LYS A 254 -16.77 24.82 -22.69
N GLU A 255 -15.82 23.95 -22.54
CA GLU A 255 -16.06 22.55 -22.78
C GLU A 255 -15.85 21.82 -21.48
N TYR A 256 -16.73 20.86 -21.21
CA TYR A 256 -16.64 20.02 -20.02
C TYR A 256 -15.95 18.70 -20.40
N VAL A 257 -15.12 18.22 -19.48
CA VAL A 257 -14.35 17.02 -19.74
C VAL A 257 -15.23 15.79 -19.60
N PHE A 258 -14.74 14.68 -20.12
CA PHE A 258 -15.40 13.40 -20.00
C PHE A 258 -14.62 12.56 -19.01
N GLN A 259 -15.33 11.87 -18.14
CA GLN A 259 -14.68 11.20 -17.04
C GLN A 259 -15.11 9.75 -16.96
N ASN A 260 -14.19 8.93 -16.45
CA ASN A 260 -14.50 7.61 -15.91
C ASN A 260 -14.03 7.53 -14.46
N SER A 261 -14.53 6.51 -13.78
CA SER A 261 -13.97 6.03 -12.53
C SER A 261 -14.22 4.53 -12.47
N TRP A 262 -13.32 3.82 -11.81
CA TRP A 262 -13.42 2.36 -11.74
C TRP A 262 -12.75 1.92 -10.45
N GLY A 263 -13.10 0.72 -9.99
CA GLY A 263 -12.54 0.26 -8.75
C GLY A 263 -12.69 -1.23 -8.56
N ILE A 264 -11.78 -1.78 -7.76
CA ILE A 264 -11.87 -3.19 -7.38
C ILE A 264 -11.36 -3.33 -5.97
N THR A 265 -11.98 -4.26 -5.23
CA THR A 265 -11.82 -4.33 -3.77
C THR A 265 -11.35 -5.71 -3.32
N THR A 266 -11.32 -5.88 -2.00
CA THR A 266 -10.92 -7.16 -1.43
C THR A 266 -11.95 -8.26 -1.64
N ARG A 267 -13.12 -7.93 -2.20
CA ARG A 267 -14.14 -8.93 -2.48
C ARG A 267 -13.60 -10.06 -3.36
N THR A 268 -12.60 -9.74 -4.19
CA THR A 268 -11.94 -10.77 -4.99
C THR A 268 -11.64 -12.00 -4.16
N ILE A 269 -10.97 -11.81 -3.03
CA ILE A 269 -10.57 -12.98 -2.25
C ILE A 269 -11.78 -13.80 -1.84
N GLY A 270 -12.85 -13.13 -1.42
CA GLY A 270 -14.05 -13.85 -1.05
C GLY A 270 -14.58 -14.73 -2.16
N VAL A 271 -14.64 -14.20 -3.39
CA VAL A 271 -15.19 -15.02 -4.47
C VAL A 271 -14.25 -16.19 -4.74
N MET A 272 -12.93 -15.94 -4.66
CA MET A 272 -11.98 -17.04 -4.72
C MET A 272 -12.36 -18.13 -3.74
N ILE A 273 -12.50 -17.75 -2.46
CA ILE A 273 -12.85 -18.74 -1.44
C ILE A 273 -14.12 -19.46 -1.85
N MET A 274 -15.16 -18.69 -2.22
CA MET A 274 -16.48 -19.29 -2.46
C MET A 274 -16.45 -20.23 -3.63
N VAL A 275 -15.61 -19.96 -4.64
CA VAL A 275 -15.67 -20.76 -5.86
C VAL A 275 -14.80 -22.01 -5.78
N HIS A 276 -13.63 -21.96 -5.11
CA HIS A 276 -12.61 -22.99 -5.24
C HIS A 276 -12.47 -23.90 -4.03
N ALA A 277 -12.66 -23.40 -2.82
CA ALA A 277 -12.38 -24.23 -1.65
C ALA A 277 -13.38 -25.38 -1.57
N ASP A 278 -12.90 -26.53 -1.14
CA ASP A 278 -13.73 -27.72 -0.95
C ASP A 278 -14.00 -27.92 0.53
N ASN A 279 -14.37 -29.14 0.91
CA ASN A 279 -14.71 -29.45 2.29
C ASN A 279 -13.50 -29.87 3.08
N GLN A 280 -12.31 -29.62 2.57
CA GLN A 280 -11.08 -29.85 3.29
C GLN A 280 -10.28 -28.57 3.45
N GLY A 281 -10.81 -27.46 2.96
CA GLY A 281 -10.13 -26.21 3.16
C GLY A 281 -10.03 -25.47 1.85
N LEU A 282 -9.12 -24.49 1.85
CA LEU A 282 -8.85 -23.69 0.68
C LEU A 282 -8.34 -24.54 -0.48
N VAL A 283 -8.39 -23.94 -1.68
CA VAL A 283 -7.68 -24.40 -2.87
C VAL A 283 -7.19 -23.15 -3.59
N LEU A 284 -5.93 -22.74 -3.32
CA LEU A 284 -5.50 -21.45 -3.86
C LEU A 284 -5.06 -21.59 -5.32
N PRO A 285 -5.42 -20.63 -6.16
CA PRO A 285 -4.92 -20.63 -7.53
C PRO A 285 -3.41 -20.42 -7.56
N PRO A 286 -2.71 -21.15 -8.42
CA PRO A 286 -1.23 -21.14 -8.34
C PRO A 286 -0.62 -19.76 -8.51
N ARG A 287 -1.22 -18.88 -9.31
CA ARG A 287 -0.50 -17.66 -9.69
C ARG A 287 -0.57 -16.58 -8.63
N VAL A 288 -1.44 -16.75 -7.64
CA VAL A 288 -1.54 -15.85 -6.49
C VAL A 288 -1.23 -16.56 -5.18
N ALA A 289 -1.04 -17.89 -5.20
CA ALA A 289 -0.75 -18.65 -4.00
C ALA A 289 0.51 -18.12 -3.34
N CYS A 290 0.46 -17.91 -2.02
CA CYS A 290 1.59 -17.31 -1.35
C CYS A 290 2.77 -18.28 -1.29
N ILE A 291 2.50 -19.52 -0.88
CA ILE A 291 3.40 -20.65 -1.10
C ILE A 291 2.80 -21.49 -2.23
N GLN A 292 3.55 -21.71 -3.31
CA GLN A 292 3.01 -22.54 -4.38
C GLN A 292 3.26 -24.02 -4.12
N VAL A 293 4.45 -24.32 -3.60
CA VAL A 293 4.85 -25.69 -3.29
C VAL A 293 5.32 -25.72 -1.84
N VAL A 294 4.86 -26.70 -1.08
CA VAL A 294 5.40 -26.96 0.25
C VAL A 294 6.01 -28.37 0.24
N ILE A 295 7.24 -28.44 0.71
CA ILE A 295 8.03 -29.66 0.82
C ILE A 295 7.82 -30.26 2.20
N VAL A 296 7.47 -31.55 2.26
CA VAL A 296 7.18 -32.26 3.51
C VAL A 296 7.96 -33.57 3.63
N PRO A 297 9.02 -33.67 4.44
CA PRO A 297 9.79 -34.94 4.55
C PRO A 297 8.99 -36.07 5.20
N CYS A 298 9.51 -37.32 5.10
CA CYS A 298 8.68 -38.49 5.43
C CYS A 298 9.39 -39.60 6.24
N GLY A 299 10.30 -39.27 7.13
CA GLY A 299 10.95 -40.28 7.97
C GLY A 299 10.82 -39.88 9.43
N ILE A 300 10.48 -40.87 10.29
CA ILE A 300 10.11 -40.49 11.65
C ILE A 300 10.24 -41.57 12.73
N THR A 301 9.99 -41.14 13.99
CA THR A 301 9.92 -41.86 15.26
C THR A 301 11.26 -42.38 15.77
N ALA A 302 11.33 -43.70 16.05
CA ALA A 302 12.56 -44.33 16.50
C ALA A 302 13.64 -44.33 15.42
N THR A 303 13.23 -44.48 14.16
CA THR A 303 14.14 -44.56 13.03
C THR A 303 14.65 -43.16 12.67
N THR A 304 15.41 -42.60 13.60
CA THR A 304 15.96 -41.26 13.46
C THR A 304 17.48 -41.27 13.69
N THR A 305 18.22 -41.99 12.84
CA THR A 305 19.66 -41.89 12.96
C THR A 305 19.75 -40.50 12.46
N ASP A 306 20.12 -39.56 13.33
CA ASP A 306 20.09 -38.11 13.03
C ASP A 306 20.85 -37.68 11.81
N ASP A 307 21.92 -38.37 11.48
CA ASP A 307 22.62 -38.24 10.22
C ASP A 307 21.63 -38.44 9.09
N GLU A 308 20.79 -39.46 9.12
CA GLU A 308 19.81 -39.58 8.04
C GLU A 308 18.80 -38.43 8.07
N ARG A 309 18.42 -37.94 9.26
CA ARG A 309 17.49 -36.81 9.31
C ARG A 309 18.12 -35.54 8.77
N ARG A 310 19.41 -35.32 9.04
CA ARG A 310 20.11 -34.18 8.49
C ARG A 310 20.30 -34.34 6.99
N ARG A 311 20.57 -35.56 6.53
CA ARG A 311 20.70 -35.80 5.09
C ARG A 311 19.39 -35.48 4.36
N LEU A 312 18.28 -35.90 4.96
CA LEU A 312 16.97 -35.61 4.41
C LEU A 312 16.72 -34.11 4.36
N TYR A 313 16.98 -33.43 5.47
CA TYR A 313 16.70 -32.00 5.50
C TYR A 313 17.58 -31.24 4.52
N GLU A 314 18.87 -31.61 4.40
CA GLU A 314 19.78 -30.88 3.52
C GLU A 314 19.42 -31.07 2.06
N SER A 315 18.95 -32.26 1.67
CA SER A 315 18.50 -32.45 0.28
C SER A 315 17.17 -31.74 0.01
N CYS A 316 16.29 -31.67 1.01
CA CYS A 316 15.05 -30.94 0.79
C CYS A 316 15.31 -29.44 0.67
N ARG A 317 16.26 -28.93 1.43
CA ARG A 317 16.57 -27.51 1.28
C ARG A 317 17.19 -27.25 -0.08
N GLU A 318 17.98 -28.21 -0.60
CA GLU A 318 18.52 -28.06 -1.95
C GLU A 318 17.41 -28.03 -3.01
N LEU A 319 16.40 -28.91 -2.88
CA LEU A 319 15.30 -28.88 -3.84
C LEU A 319 14.49 -27.59 -3.76
N GLU A 320 14.19 -27.11 -2.55
CA GLU A 320 13.42 -25.86 -2.47
C GLU A 320 14.24 -24.67 -2.91
N GLN A 321 15.56 -24.75 -2.74
CA GLN A 321 16.36 -23.63 -3.18
C GLN A 321 16.40 -23.56 -4.69
N THR A 322 16.62 -24.71 -5.34
CA THR A 322 16.60 -24.77 -6.79
C THR A 322 15.23 -24.44 -7.35
N PHE A 323 14.17 -24.64 -6.55
CA PHE A 323 12.85 -24.18 -6.98
C PHE A 323 12.70 -22.66 -6.89
N VAL A 324 13.18 -22.04 -5.80
CA VAL A 324 13.01 -20.59 -5.72
C VAL A 324 13.81 -19.89 -6.80
N LYS A 325 15.03 -20.39 -7.09
CA LYS A 325 15.84 -19.74 -8.11
C LYS A 325 15.17 -19.80 -9.48
N ALA A 326 14.41 -20.85 -9.74
CA ALA A 326 13.55 -20.89 -10.93
C ALA A 326 12.23 -20.17 -10.71
N GLY A 327 12.21 -19.20 -9.79
CA GLY A 327 11.08 -18.31 -9.64
C GLY A 327 9.82 -18.95 -9.11
N ILE A 328 9.93 -20.09 -8.44
CA ILE A 328 8.75 -20.78 -7.91
C ILE A 328 8.69 -20.52 -6.42
N ARG A 329 7.53 -20.10 -5.96
CA ARG A 329 7.39 -19.80 -4.54
C ARG A 329 7.30 -21.14 -3.81
N CYS A 330 8.44 -21.63 -3.33
CA CYS A 330 8.52 -22.88 -2.59
C CYS A 330 9.20 -22.64 -1.24
N GLU A 331 8.65 -23.26 -0.19
CA GLU A 331 9.27 -23.31 1.12
C GLU A 331 9.11 -24.73 1.63
N GLY A 332 10.03 -25.15 2.50
CA GLY A 332 9.94 -26.45 3.13
C GLY A 332 9.38 -26.26 4.53
N ASP A 333 8.74 -27.30 5.03
CA ASP A 333 8.18 -27.32 6.38
C ASP A 333 9.01 -28.33 7.15
N TYR A 334 9.93 -27.87 7.95
CA TYR A 334 10.77 -28.82 8.64
C TYR A 334 10.63 -28.86 10.12
N ARG A 335 9.54 -28.38 10.62
CA ARG A 335 9.39 -28.36 12.04
C ARG A 335 9.37 -29.76 12.62
N ASP A 336 10.09 -29.95 13.70
CA ASP A 336 10.19 -31.19 14.43
C ASP A 336 9.02 -31.65 15.19
N ASN A 337 8.29 -30.69 15.68
CA ASN A 337 7.17 -30.97 16.51
C ASN A 337 6.15 -31.81 15.86
N TYR A 338 5.82 -31.49 14.64
CA TYR A 338 4.75 -32.16 14.02
C TYR A 338 5.12 -33.31 13.14
N SER A 339 4.12 -34.13 12.89
CA SER A 339 4.23 -35.30 12.05
C SER A 339 3.95 -34.93 10.59
N PRO A 340 4.46 -35.72 9.64
CA PRO A 340 4.14 -35.49 8.23
C PRO A 340 2.66 -35.49 7.91
N GLY A 341 1.86 -36.32 8.58
CA GLY A 341 0.43 -36.33 8.30
C GLY A 341 -0.25 -35.07 8.77
N TRP A 342 0.18 -34.56 9.93
CA TRP A 342 -0.30 -33.27 10.40
C TRP A 342 0.04 -32.18 9.38
N LYS A 343 1.31 -32.08 8.97
CA LYS A 343 1.72 -31.07 7.99
C LYS A 343 0.90 -31.21 6.71
N TYR A 344 0.64 -32.45 6.30
CA TYR A 344 -0.29 -32.70 5.20
C TYR A 344 -1.58 -31.94 5.42
N ASN A 345 -2.26 -32.21 6.53
CA ASN A 345 -3.58 -31.63 6.74
C ASN A 345 -3.51 -30.12 6.87
N HIS A 346 -2.51 -29.64 7.59
CA HIS A 346 -2.28 -28.21 7.78
C HIS A 346 -2.24 -27.49 6.45
N TRP A 347 -1.28 -27.87 5.59
CA TRP A 347 -1.15 -27.14 4.35
C TRP A 347 -2.32 -27.40 3.39
N GLU A 348 -3.03 -28.53 3.55
CA GLU A 348 -4.22 -28.75 2.74
C GLU A 348 -5.34 -27.81 3.16
N LEU A 349 -5.36 -27.41 4.43
CA LEU A 349 -6.27 -26.34 4.84
C LEU A 349 -5.84 -25.01 4.24
N LYS A 350 -4.51 -24.80 4.15
CA LYS A 350 -3.98 -23.57 3.56
C LYS A 350 -4.06 -23.58 2.03
N GLY A 351 -4.50 -24.67 1.42
CA GLY A 351 -4.74 -24.67 0.00
C GLY A 351 -3.51 -24.49 -0.85
N VAL A 352 -2.35 -24.92 -0.37
CA VAL A 352 -1.15 -24.89 -1.19
C VAL A 352 -1.35 -25.76 -2.42
N PRO A 353 -1.20 -25.21 -3.63
CA PRO A 353 -1.58 -25.97 -4.85
C PRO A 353 -1.00 -27.38 -4.94
N VAL A 354 0.32 -27.53 -4.75
CA VAL A 354 0.93 -28.85 -4.80
C VAL A 354 1.76 -29.07 -3.56
N ARG A 355 1.51 -30.18 -2.89
CA ARG A 355 2.34 -30.62 -1.76
C ARG A 355 3.40 -31.57 -2.30
N ILE A 356 4.61 -31.39 -1.86
CA ILE A 356 5.69 -32.30 -2.19
C ILE A 356 5.86 -33.26 -1.04
N GLU A 357 5.91 -34.57 -1.36
CA GLU A 357 6.29 -35.60 -0.39
C GLU A 357 7.63 -36.18 -0.83
N LEU A 358 8.63 -36.08 0.06
CA LEU A 358 9.99 -36.56 -0.18
C LEU A 358 10.44 -37.39 1.02
N GLY A 359 10.47 -38.71 0.86
CA GLY A 359 10.94 -39.62 1.87
C GLY A 359 12.33 -40.15 1.55
N PHE A 360 12.77 -41.13 2.34
CA PHE A 360 14.06 -41.76 2.10
C PHE A 360 14.08 -42.57 0.79
N LYS A 361 12.96 -43.18 0.41
CA LYS A 361 12.95 -43.96 -0.82
C LYS A 361 13.13 -43.08 -2.04
N ASP A 362 12.34 -42.01 -2.14
CA ASP A 362 12.56 -41.08 -3.24
C ASP A 362 13.97 -40.54 -3.21
N LEU A 363 14.51 -40.37 -2.01
CA LEU A 363 15.90 -39.95 -1.87
C LEU A 363 16.82 -40.95 -2.55
N GLN A 364 16.61 -42.24 -2.28
CA GLN A 364 17.43 -43.24 -2.93
C GLN A 364 17.28 -43.21 -4.44
N ASN A 365 16.12 -42.77 -4.96
CA ASN A 365 15.86 -42.85 -6.40
C ASN A 365 15.92 -41.49 -7.09
N ASP A 366 16.47 -40.47 -6.44
CA ASP A 366 16.60 -39.12 -7.02
C ASP A 366 15.29 -38.60 -7.59
N GLN A 367 14.27 -38.60 -6.74
CA GLN A 367 12.93 -38.24 -7.15
C GLN A 367 12.18 -37.68 -5.94
N PHE A 368 10.91 -37.39 -6.17
CA PHE A 368 9.95 -36.95 -5.16
C PHE A 368 8.58 -37.15 -5.77
N VAL A 369 7.54 -37.17 -4.94
CA VAL A 369 6.18 -37.29 -5.48
C VAL A 369 5.40 -36.03 -5.13
N ALA A 370 4.74 -35.45 -6.14
CA ALA A 370 3.93 -34.26 -5.97
C ALA A 370 2.45 -34.61 -5.95
N VAL A 371 1.71 -34.01 -5.01
CA VAL A 371 0.29 -34.24 -4.84
C VAL A 371 -0.45 -32.94 -5.07
N ARG A 372 -1.51 -32.97 -5.84
CA ARG A 372 -2.27 -31.80 -6.18
C ARG A 372 -3.33 -31.50 -5.18
N ARG A 373 -3.51 -30.25 -4.80
CA ARG A 373 -4.55 -29.92 -3.82
C ARG A 373 -5.94 -30.02 -4.44
N ASP A 374 -6.09 -29.80 -5.75
CA ASP A 374 -7.42 -29.83 -6.33
C ASP A 374 -7.98 -31.24 -6.49
N ASN A 375 -7.21 -32.21 -7.02
CA ASN A 375 -7.71 -33.59 -7.03
C ASN A 375 -7.09 -34.48 -5.99
N GLY A 376 -6.02 -34.05 -5.35
CA GLY A 376 -5.27 -35.02 -4.59
C GLY A 376 -4.56 -36.02 -5.47
N ALA A 377 -4.45 -35.73 -6.76
CA ALA A 377 -3.77 -36.63 -7.69
C ALA A 377 -2.28 -36.52 -7.46
N LYS A 378 -1.64 -37.69 -7.42
CA LYS A 378 -0.20 -37.82 -7.27
C LYS A 378 0.51 -38.07 -8.61
N GLN A 379 1.77 -37.69 -8.63
CA GLN A 379 2.60 -37.83 -9.83
C GLN A 379 4.07 -37.73 -9.42
N THR A 380 4.86 -38.72 -9.82
CA THR A 380 6.27 -38.77 -9.43
C THR A 380 7.18 -38.09 -10.44
N ILE A 381 8.20 -37.42 -9.90
CA ILE A 381 9.05 -36.54 -10.69
C ILE A 381 10.50 -36.73 -10.27
N LYS A 382 11.35 -37.02 -11.24
CA LYS A 382 12.79 -37.13 -11.00
C LYS A 382 13.39 -35.73 -10.83
N ARG A 383 14.51 -35.66 -10.09
CA ARG A 383 14.99 -34.36 -9.65
C ARG A 383 15.67 -33.53 -10.74
N ALA A 384 16.06 -34.13 -11.85
CA ALA A 384 16.60 -33.33 -12.94
C ALA A 384 15.51 -32.52 -13.61
N GLN A 385 14.39 -33.17 -13.90
CA GLN A 385 13.27 -32.57 -14.61
C GLN A 385 12.39 -31.71 -13.71
N ALA A 386 12.74 -31.58 -12.42
CA ALA A 386 11.97 -30.77 -11.49
C ALA A 386 11.77 -29.34 -12.00
N THR A 387 12.85 -28.75 -12.55
CA THR A 387 12.85 -27.40 -13.07
C THR A 387 11.86 -27.21 -14.20
N VAL A 388 11.46 -28.28 -14.88
CA VAL A 388 10.50 -28.22 -15.96
C VAL A 388 9.12 -28.69 -15.52
N GLU A 389 9.07 -29.86 -14.89
CA GLU A 389 7.80 -30.48 -14.55
C GLU A 389 6.99 -29.63 -13.59
N MET A 390 7.65 -28.98 -12.61
CA MET A 390 6.86 -28.22 -11.63
C MET A 390 6.06 -27.08 -12.25
N PRO A 391 6.64 -26.16 -13.04
CA PRO A 391 5.81 -25.09 -13.64
C PRO A 391 4.70 -25.59 -14.55
N LYS A 392 4.94 -26.66 -15.32
CA LYS A 392 3.87 -27.27 -16.10
C LYS A 392 2.73 -27.70 -15.20
N LEU A 393 3.04 -28.33 -14.06
CA LEU A 393 2.00 -28.72 -13.13
C LEU A 393 1.25 -27.52 -12.60
N LEU A 394 1.96 -26.43 -12.33
CA LEU A 394 1.27 -25.24 -11.85
C LEU A 394 0.28 -24.74 -12.90
N GLU A 395 0.69 -24.73 -14.16
CA GLU A 395 -0.25 -24.31 -15.19
C GLU A 395 -1.42 -25.28 -15.30
N THR A 396 -1.12 -26.59 -15.29
CA THR A 396 -2.13 -27.65 -15.35
C THR A 396 -3.17 -27.49 -14.26
N ILE A 397 -2.70 -27.21 -13.05
CA ILE A 397 -3.59 -27.04 -11.91
C ILE A 397 -4.44 -25.79 -12.11
N HIS A 398 -3.81 -24.69 -12.53
CA HIS A 398 -4.58 -23.48 -12.80
C HIS A 398 -5.73 -23.77 -13.74
N THR A 399 -5.42 -24.29 -14.92
CA THR A 399 -6.48 -24.48 -15.91
C THR A 399 -7.46 -25.55 -15.44
N SER A 400 -7.04 -26.54 -14.68
CA SER A 400 -8.07 -27.44 -14.20
C SER A 400 -9.02 -26.71 -13.25
N MET A 401 -8.53 -25.71 -12.51
CA MET A 401 -9.41 -24.91 -11.66
C MET A 401 -10.39 -24.09 -12.50
N TYR A 402 -9.84 -23.30 -13.42
CA TYR A 402 -10.69 -22.48 -14.29
C TYR A 402 -11.71 -23.34 -15.02
N GLU A 403 -11.26 -24.43 -15.65
CA GLU A 403 -12.15 -25.25 -16.45
C GLU A 403 -13.28 -25.83 -15.61
N ARG A 404 -12.97 -26.33 -14.41
CA ARG A 404 -14.04 -26.83 -13.55
C ARG A 404 -15.01 -25.72 -13.18
N ALA A 405 -14.48 -24.53 -12.85
CA ALA A 405 -15.36 -23.43 -12.49
C ALA A 405 -16.24 -23.00 -13.65
N GLU A 406 -15.70 -23.07 -14.87
CA GLU A 406 -16.45 -22.69 -16.05
C GLU A 406 -17.52 -23.71 -16.37
N ARG A 407 -17.20 -25.00 -16.25
CA ARG A 407 -18.24 -26.01 -16.42
C ARG A 407 -19.36 -25.81 -15.40
N ASP A 408 -19.01 -25.40 -14.18
CA ASP A 408 -20.03 -25.12 -13.16
C ASP A 408 -20.91 -23.93 -13.56
N LEU A 409 -20.26 -22.84 -13.96
CA LEU A 409 -21.00 -21.67 -14.39
C LEU A 409 -21.92 -22.01 -15.54
N GLN A 410 -21.40 -22.74 -16.55
CA GLN A 410 -22.20 -23.05 -17.72
C GLN A 410 -23.37 -23.97 -17.38
N SER A 411 -23.20 -24.84 -16.39
CA SER A 411 -24.28 -25.72 -16.02
C SER A 411 -25.29 -25.02 -15.13
N HIS A 412 -24.96 -23.84 -14.60
CA HIS A 412 -25.95 -23.03 -13.91
C HIS A 412 -26.45 -21.85 -14.74
N THR A 413 -25.97 -21.65 -15.95
CA THR A 413 -26.51 -20.59 -16.81
C THR A 413 -27.53 -21.22 -17.74
N LYS A 414 -28.79 -20.76 -17.64
CA LYS A 414 -29.89 -21.27 -18.44
C LYS A 414 -30.59 -20.10 -19.13
N LEU A 415 -31.13 -20.34 -20.32
CA LEU A 415 -31.74 -19.32 -21.16
C LEU A 415 -33.22 -19.63 -21.40
N THR A 416 -34.06 -18.59 -21.39
CA THR A 416 -35.50 -18.77 -21.60
C THR A 416 -36.14 -17.47 -22.06
N LYS A 417 -37.32 -17.62 -22.68
CA LYS A 417 -38.21 -16.53 -23.03
C LYS A 417 -39.58 -16.64 -22.37
N GLN A 418 -39.86 -17.72 -21.65
CA GLN A 418 -41.11 -17.85 -20.92
C GLN A 418 -40.84 -17.62 -19.44
N TRP A 419 -41.53 -16.62 -18.87
CA TRP A 419 -41.40 -16.26 -17.47
C TRP A 419 -41.52 -17.48 -16.55
N ALA A 420 -42.46 -18.38 -16.86
CA ALA A 420 -42.69 -19.56 -16.03
C ALA A 420 -41.40 -20.36 -15.83
N GLU A 421 -40.72 -20.70 -16.91
CA GLU A 421 -39.52 -21.48 -16.69
C GLU A 421 -38.35 -20.65 -16.20
N PHE A 422 -38.40 -19.34 -16.39
CA PHE A 422 -37.48 -18.44 -15.69
C PHE A 422 -37.58 -18.68 -14.19
N LEU A 423 -38.81 -18.67 -13.67
CA LEU A 423 -39.01 -18.90 -12.24
C LEU A 423 -38.60 -20.31 -11.83
N GLN A 424 -38.90 -21.32 -12.66
CA GLN A 424 -38.43 -22.68 -12.36
C GLN A 424 -36.90 -22.72 -12.20
N PHE A 425 -36.17 -22.27 -13.23
CA PHE A 425 -34.71 -22.26 -13.18
C PHE A 425 -34.20 -21.54 -11.94
N LEU A 426 -34.69 -20.33 -11.69
CA LEU A 426 -34.24 -19.60 -10.53
C LEU A 426 -34.53 -20.37 -9.24
N GLU A 427 -35.74 -20.92 -9.10
CA GLU A 427 -36.09 -21.61 -7.88
C GLU A 427 -35.15 -22.77 -7.61
N THR A 428 -34.66 -23.45 -8.64
CA THR A 428 -33.63 -24.46 -8.43
C THR A 428 -32.20 -23.93 -8.66
N LYS A 429 -31.90 -22.75 -8.14
CA LYS A 429 -30.52 -22.33 -7.82
C LYS A 429 -29.64 -22.07 -9.05
N ASN A 430 -30.18 -21.48 -10.11
CA ASN A 430 -29.26 -21.12 -11.19
C ASN A 430 -29.73 -19.83 -11.84
N ILE A 431 -28.86 -19.27 -12.64
CA ILE A 431 -29.07 -17.98 -13.26
C ILE A 431 -29.60 -17.99 -14.67
N ILE A 432 -30.37 -16.97 -15.00
CA ILE A 432 -31.09 -16.94 -16.23
C ILE A 432 -30.93 -15.79 -17.13
N MET A 433 -30.84 -16.08 -18.40
CA MET A 433 -30.72 -15.10 -19.42
C MET A 433 -31.99 -15.05 -20.20
N ALA A 434 -32.68 -13.93 -20.18
CA ALA A 434 -33.97 -13.76 -20.79
C ALA A 434 -34.10 -12.44 -21.49
N PRO A 435 -34.96 -12.36 -22.48
CA PRO A 435 -35.17 -11.08 -23.17
C PRO A 435 -35.77 -10.02 -22.25
N PHE A 436 -35.29 -8.79 -22.40
CA PHE A 436 -35.63 -7.74 -21.46
C PHE A 436 -35.72 -6.39 -22.16
N CYS A 437 -36.66 -5.58 -21.64
CA CYS A 437 -36.94 -4.25 -22.16
C CYS A 437 -35.93 -3.20 -21.69
N GLY A 438 -35.38 -3.34 -20.48
CA GLY A 438 -34.45 -2.35 -19.95
C GLY A 438 -35.03 -1.40 -18.93
N GLU A 439 -36.35 -1.35 -18.80
CA GLU A 439 -37.03 -0.42 -17.93
C GLU A 439 -36.93 -0.79 -16.44
N ILE A 440 -36.83 0.23 -15.60
CA ILE A 440 -36.58 0.00 -14.18
C ILE A 440 -37.83 -0.41 -13.43
N SER A 441 -38.98 0.22 -13.72
CA SER A 441 -40.21 -0.23 -13.07
C SER A 441 -40.49 -1.69 -13.36
N CYS A 442 -40.25 -2.10 -14.60
CA CYS A 442 -40.43 -3.51 -14.96
C CYS A 442 -39.42 -4.40 -14.23
N GLU A 443 -38.16 -3.95 -14.13
CA GLU A 443 -37.16 -4.69 -13.37
C GLU A 443 -37.58 -4.86 -11.91
N ASP A 444 -38.14 -3.81 -11.31
CA ASP A 444 -38.68 -3.90 -9.96
C ASP A 444 -39.77 -4.95 -9.87
N ARG A 445 -40.65 -4.99 -10.87
CA ARG A 445 -41.70 -6.00 -10.87
C ARG A 445 -41.10 -7.40 -10.96
N ILE A 446 -40.04 -7.56 -11.75
CA ILE A 446 -39.34 -8.84 -11.82
C ILE A 446 -38.81 -9.24 -10.45
N LYS A 447 -38.04 -8.35 -9.81
CA LYS A 447 -37.47 -8.67 -8.51
C LYS A 447 -38.56 -9.00 -7.49
N ALA A 448 -39.66 -8.26 -7.50
CA ALA A 448 -40.74 -8.54 -6.56
C ALA A 448 -41.35 -9.92 -6.82
N GLU A 449 -41.69 -10.22 -8.08
CA GLU A 449 -42.45 -11.42 -8.43
C GLU A 449 -41.64 -12.72 -8.32
N SER A 450 -40.37 -12.66 -7.88
CA SER A 450 -39.61 -13.87 -7.60
C SER A 450 -39.67 -14.25 -6.13
N ALA A 451 -39.70 -13.25 -5.24
CA ALA A 451 -39.84 -13.41 -3.79
C ALA A 451 -41.17 -14.06 -3.37
N PRO A 462 -28.91 -11.49 0.78
CA PRO A 462 -30.14 -11.59 1.54
C PRO A 462 -31.31 -11.06 0.78
N ALA A 463 -31.22 -11.02 -0.52
CA ALA A 463 -32.34 -10.60 -1.28
C ALA A 463 -32.77 -11.87 -1.93
N MET A 464 -33.99 -12.28 -1.60
CA MET A 464 -34.55 -13.51 -2.09
C MET A 464 -35.15 -13.36 -3.46
N GLY A 465 -35.34 -12.14 -3.90
CA GLY A 465 -35.85 -11.83 -5.22
C GLY A 465 -34.78 -11.85 -6.29
N ALA A 466 -35.13 -11.69 -7.54
CA ALA A 466 -34.12 -11.70 -8.59
C ALA A 466 -33.73 -10.34 -9.10
N LYS A 467 -32.44 -10.10 -9.15
CA LYS A 467 -31.84 -8.85 -9.58
C LYS A 467 -31.34 -8.97 -11.02
N SER A 468 -31.14 -7.82 -11.65
CA SER A 468 -30.47 -7.85 -12.93
C SER A 468 -29.00 -7.93 -12.63
N LEU A 469 -28.32 -8.90 -13.26
CA LEU A 469 -26.89 -9.02 -13.07
C LEU A 469 -26.18 -8.17 -14.11
N CYS A 470 -26.41 -8.46 -15.38
CA CYS A 470 -25.86 -7.58 -16.39
C CYS A 470 -26.45 -7.90 -17.75
N ILE A 471 -26.32 -6.96 -18.68
CA ILE A 471 -26.55 -7.22 -20.10
C ILE A 471 -25.24 -7.73 -20.70
N PRO A 472 -25.13 -9.02 -21.04
CA PRO A 472 -23.83 -9.57 -21.44
C PRO A 472 -23.34 -8.96 -22.72
N PHE A 473 -22.00 -8.88 -22.84
CA PHE A 473 -21.40 -8.45 -24.09
C PHE A 473 -21.50 -9.53 -25.15
N GLU A 474 -21.61 -10.76 -24.71
CA GLU A 474 -21.75 -11.87 -25.60
C GLU A 474 -23.16 -12.25 -25.52
N GLN A 475 -23.97 -11.62 -26.33
CA GLN A 475 -25.36 -11.96 -26.38
C GLN A 475 -25.57 -13.26 -27.14
N PRO A 476 -26.59 -14.00 -26.76
CA PRO A 476 -26.92 -15.21 -27.48
C PRO A 476 -28.17 -14.80 -28.21
N ALA A 477 -28.11 -14.72 -29.53
CA ALA A 477 -29.20 -14.39 -30.44
C ALA A 477 -29.53 -12.94 -30.55
N LYS A 478 -29.97 -12.55 -31.72
CA LYS A 478 -30.36 -11.19 -31.92
C LYS A 478 -31.68 -11.06 -31.26
N ILE A 479 -31.90 -9.94 -30.60
CA ILE A 479 -33.16 -9.75 -29.96
C ILE A 479 -33.86 -8.95 -30.99
N ASP A 480 -34.35 -9.64 -31.99
CA ASP A 480 -35.03 -9.05 -33.12
C ASP A 480 -36.49 -8.66 -32.82
N PRO A 481 -36.86 -7.42 -33.04
CA PRO A 481 -38.15 -6.89 -32.66
C PRO A 481 -39.36 -7.29 -33.42
N LYS A 482 -39.26 -8.15 -34.42
CA LYS A 482 -40.46 -8.51 -35.14
C LYS A 482 -41.43 -9.12 -34.22
N VAL A 483 -40.99 -10.08 -33.44
CA VAL A 483 -41.88 -10.65 -32.48
C VAL A 483 -41.39 -10.61 -31.05
N ASP A 484 -40.09 -10.50 -30.84
CA ASP A 484 -39.52 -10.55 -29.49
C ASP A 484 -40.11 -9.64 -28.47
N LYS A 485 -40.48 -10.21 -27.34
CA LYS A 485 -41.09 -9.45 -26.26
C LYS A 485 -40.40 -9.72 -24.93
N CYS A 486 -40.52 -8.75 -24.01
CA CYS A 486 -39.88 -8.88 -22.71
C CYS A 486 -40.45 -10.09 -22.00
N VAL A 487 -39.66 -10.69 -21.12
CA VAL A 487 -40.05 -11.97 -20.51
C VAL A 487 -41.11 -11.78 -19.44
N HIS A 488 -41.32 -10.55 -18.97
CA HIS A 488 -42.34 -10.45 -17.95
C HIS A 488 -43.70 -10.26 -18.61
N PRO A 489 -44.73 -10.87 -18.03
CA PRO A 489 -46.06 -10.80 -18.65
C PRO A 489 -46.62 -9.41 -18.81
N ALA A 490 -46.32 -8.49 -17.91
CA ALA A 490 -46.90 -7.15 -17.96
C ALA A 490 -45.98 -6.09 -18.58
N CYS A 491 -44.81 -6.46 -19.09
CA CYS A 491 -43.93 -5.41 -19.57
C CYS A 491 -44.37 -4.83 -20.91
N GLY A 492 -43.84 -3.63 -21.18
CA GLY A 492 -43.92 -2.96 -22.47
C GLY A 492 -42.84 -3.57 -23.32
N ARG A 493 -43.26 -4.62 -24.01
CA ARG A 493 -42.38 -5.64 -24.57
C ARG A 493 -41.45 -5.11 -25.66
N VAL A 494 -40.50 -4.30 -25.22
CA VAL A 494 -39.51 -3.80 -26.18
C VAL A 494 -38.63 -4.95 -26.67
N ALA A 495 -38.23 -5.83 -25.76
CA ALA A 495 -37.20 -6.83 -26.03
C ALA A 495 -35.98 -6.10 -26.61
N LYS A 496 -35.39 -5.26 -25.76
CA LYS A 496 -34.23 -4.50 -26.18
C LYS A 496 -32.98 -5.37 -26.23
N PHE A 497 -32.84 -6.35 -25.37
CA PHE A 497 -31.67 -7.26 -25.36
C PHE A 497 -31.89 -8.39 -24.44
N TYR A 498 -30.87 -9.19 -24.24
CA TYR A 498 -30.91 -10.25 -23.25
C TYR A 498 -30.26 -9.74 -21.97
N THR A 499 -30.89 -9.99 -20.84
CA THR A 499 -30.28 -9.67 -19.56
C THR A 499 -30.13 -10.93 -18.72
N LEU A 500 -29.00 -11.01 -18.04
CA LEU A 500 -28.71 -12.05 -17.08
C LEU A 500 -29.22 -11.58 -15.73
N PHE A 501 -30.06 -12.43 -15.12
CA PHE A 501 -30.77 -12.29 -13.86
C PHE A 501 -30.41 -13.46 -12.95
N GLY A 502 -30.58 -13.23 -11.66
CA GLY A 502 -30.47 -14.29 -10.67
C GLY A 502 -30.36 -13.64 -9.30
N ARG A 503 -30.44 -14.48 -8.28
CA ARG A 503 -30.17 -13.98 -6.94
C ARG A 503 -28.71 -13.56 -6.91
N SER A 504 -28.44 -12.46 -6.19
CA SER A 504 -27.08 -11.94 -6.12
C SER A 504 -26.82 -11.42 -4.73
N TYR A 505 -25.55 -11.13 -4.48
CA TYR A 505 -25.08 -10.53 -3.24
C TYR A 505 -25.33 -9.04 -3.35
N LEU B 6 9.41 31.20 -7.56
CA LEU B 6 9.58 30.95 -6.12
C LEU B 6 9.68 32.29 -5.41
N GLU B 7 8.74 32.52 -4.50
CA GLU B 7 8.53 33.85 -3.91
C GLU B 7 9.44 34.14 -2.73
N ALA B 8 9.55 33.18 -1.80
CA ALA B 8 10.30 33.33 -0.54
C ALA B 8 11.69 32.69 -0.60
N THR B 9 12.55 33.12 0.34
CA THR B 9 13.90 32.55 0.46
C THR B 9 14.03 31.66 1.69
N LYS B 10 14.93 30.67 1.59
CA LYS B 10 15.09 29.70 2.65
C LYS B 10 15.62 30.32 3.93
N GLU B 11 16.49 31.33 3.84
CA GLU B 11 17.13 31.86 5.03
C GLU B 11 16.23 32.81 5.80
N ASP B 12 15.62 33.77 5.11
CA ASP B 12 14.63 34.65 5.71
C ASP B 12 13.24 34.12 5.37
N ASN B 13 12.44 33.86 6.40
CA ASN B 13 11.08 33.31 6.27
C ASN B 13 11.08 31.88 5.70
N LEU B 14 11.49 30.94 6.55
CA LEU B 14 11.53 29.50 6.28
C LEU B 14 10.15 28.87 6.10
N PRO B 15 9.15 29.15 6.94
CA PRO B 15 7.87 28.42 6.79
C PRO B 15 7.21 28.63 5.44
N ASP B 16 7.40 29.82 4.85
CA ASP B 16 6.76 30.11 3.58
C ASP B 16 7.66 29.77 2.40
N TRP B 17 8.96 29.68 2.62
CA TRP B 17 9.81 28.97 1.68
C TRP B 17 9.38 27.51 1.53
N TYR B 18 9.23 26.80 2.66
CA TYR B 18 8.77 25.41 2.63
C TYR B 18 7.42 25.30 1.93
N SER B 19 6.48 26.20 2.25
CA SER B 19 5.18 26.15 1.60
C SER B 19 5.30 26.32 0.08
N GLN B 20 6.05 27.33 -0.31
CA GLN B 20 6.27 27.60 -1.72
C GLN B 20 6.84 26.39 -2.43
N VAL B 21 7.81 25.74 -1.79
CA VAL B 21 8.48 24.63 -2.44
C VAL B 21 7.51 23.47 -2.61
N ILE B 22 6.79 23.10 -1.55
CA ILE B 22 5.92 21.94 -1.69
C ILE B 22 4.74 22.19 -2.64
N THR B 23 4.42 23.44 -2.94
CA THR B 23 3.34 23.70 -3.89
C THR B 23 3.82 23.93 -5.32
N LYS B 24 4.80 24.83 -5.51
CA LYS B 24 5.33 25.01 -6.84
C LYS B 24 6.10 23.79 -7.31
N GLY B 25 6.45 22.88 -6.41
CA GLY B 25 7.03 21.61 -6.74
C GLY B 25 6.04 20.49 -6.98
N GLU B 26 4.74 20.75 -6.80
CA GLU B 26 3.68 19.83 -7.20
C GLU B 26 3.73 18.54 -6.39
N MET B 27 3.90 18.65 -5.07
CA MET B 27 3.86 17.49 -4.19
C MET B 27 2.68 17.50 -3.24
N ILE B 28 2.19 18.67 -2.91
CA ILE B 28 1.14 18.94 -1.94
C ILE B 28 0.01 19.66 -2.65
N GLU B 29 -1.20 19.43 -2.15
CA GLU B 29 -2.27 20.42 -2.28
C GLU B 29 -2.85 20.58 -0.89
N TYR B 30 -3.01 21.82 -0.44
CA TYR B 30 -3.57 22.03 0.88
C TYR B 30 -5.01 21.54 0.91
N TYR B 31 -5.47 21.18 2.09
CA TYR B 31 -6.68 20.41 2.21
C TYR B 31 -7.52 21.00 3.33
N ASP B 32 -8.83 20.87 3.19
CA ASP B 32 -9.75 21.59 4.05
C ASP B 32 -10.10 20.85 5.32
N VAL B 33 -9.44 19.73 5.63
CA VAL B 33 -9.46 19.20 7.00
C VAL B 33 -8.08 19.46 7.57
N SER B 34 -8.03 20.32 8.59
CA SER B 34 -6.78 20.93 9.07
C SER B 34 -5.68 19.90 9.29
N GLY B 35 -4.51 20.15 8.71
CA GLY B 35 -3.38 19.34 9.07
C GLY B 35 -3.22 18.04 8.31
N CYS B 36 -4.06 17.79 7.29
CA CYS B 36 -3.84 16.73 6.33
C CYS B 36 -3.73 17.35 4.94
N TYR B 37 -2.98 16.69 4.06
CA TYR B 37 -2.58 17.34 2.82
C TYR B 37 -2.65 16.36 1.67
N ILE B 38 -3.25 16.80 0.57
CA ILE B 38 -3.37 15.98 -0.62
C ILE B 38 -1.97 15.70 -1.13
N LEU B 39 -1.63 14.42 -1.26
CA LEU B 39 -0.34 13.98 -1.77
C LEU B 39 -0.36 13.82 -3.29
N ARG B 40 0.33 14.72 -3.99
CA ARG B 40 0.41 14.64 -5.44
C ARG B 40 1.37 13.52 -5.89
N HIS B 41 1.41 13.29 -7.21
CA HIS B 41 2.20 12.22 -7.80
C HIS B 41 3.68 12.38 -7.46
N TRP B 42 4.18 13.62 -7.47
CA TRP B 42 5.62 13.86 -7.29
C TRP B 42 6.08 13.32 -5.94
N SER B 43 5.41 13.73 -4.86
CA SER B 43 5.78 13.28 -3.52
C SER B 43 5.57 11.79 -3.37
N PHE B 44 4.42 11.30 -3.87
CA PHE B 44 4.02 9.94 -3.57
C PHE B 44 4.98 8.94 -4.20
N ALA B 45 5.57 9.29 -5.34
CA ALA B 45 6.57 8.40 -5.93
C ALA B 45 7.81 8.31 -5.04
N ILE B 46 8.20 9.42 -4.41
CA ILE B 46 9.32 9.37 -3.47
C ILE B 46 8.99 8.41 -2.34
N TRP B 47 7.78 8.53 -1.79
CA TRP B 47 7.38 7.58 -0.75
C TRP B 47 7.42 6.14 -1.27
N LYS B 48 7.00 5.92 -2.52
CA LYS B 48 7.02 4.57 -3.07
C LYS B 48 8.42 4.02 -3.10
N ALA B 49 9.39 4.81 -3.57
CA ALA B 49 10.79 4.38 -3.59
C ALA B 49 11.26 3.99 -2.18
N ILE B 50 10.99 4.87 -1.21
CA ILE B 50 11.37 4.55 0.18
C ILE B 50 10.72 3.26 0.65
N ARG B 51 9.40 3.15 0.44
CA ARG B 51 8.60 2.01 0.89
C ARG B 51 9.10 0.70 0.28
N ASN B 52 9.35 0.71 -1.03
CA ASN B 52 9.76 -0.48 -1.76
C ASN B 52 11.12 -0.97 -1.32
N TRP B 53 12.12 -0.07 -1.25
CA TRP B 53 13.41 -0.49 -0.71
C TRP B 53 13.24 -1.14 0.65
N PHE B 54 12.56 -0.44 1.58
CA PHE B 54 12.49 -0.96 2.95
C PHE B 54 11.74 -2.28 3.03
N ASP B 55 10.70 -2.45 2.22
CA ASP B 55 9.95 -3.68 2.33
C ASP B 55 10.74 -4.84 1.74
N ALA B 56 11.43 -4.61 0.63
CA ALA B 56 12.31 -5.65 0.11
C ALA B 56 13.27 -6.06 1.20
N GLU B 57 13.83 -5.07 1.90
CA GLU B 57 14.81 -5.34 2.93
C GLU B 57 14.22 -6.21 4.03
N ILE B 58 13.04 -5.84 4.53
CA ILE B 58 12.52 -6.56 5.69
C ILE B 58 11.85 -7.86 5.32
N THR B 59 11.42 -8.00 4.07
CA THR B 59 10.87 -9.27 3.63
C THR B 59 11.97 -10.27 3.34
N ARG B 60 13.14 -9.78 2.92
CA ARG B 60 14.32 -10.62 2.86
C ARG B 60 14.67 -11.19 4.23
N LEU B 61 14.45 -10.41 5.28
CA LEU B 61 14.74 -10.80 6.65
C LEU B 61 13.77 -11.79 7.26
N GLY B 62 12.56 -11.91 6.73
CA GLY B 62 11.60 -12.83 7.28
C GLY B 62 10.40 -12.19 7.91
N VAL B 63 10.23 -10.89 7.76
CA VAL B 63 9.06 -10.25 8.32
C VAL B 63 7.93 -10.39 7.33
N LYS B 64 6.80 -10.92 7.79
CA LYS B 64 5.64 -11.07 6.93
C LYS B 64 4.72 -9.88 7.12
N GLU B 65 3.78 -9.74 6.21
CA GLU B 65 2.92 -8.57 6.09
C GLU B 65 1.44 -8.92 6.30
N CYS B 66 0.75 -8.10 7.09
CA CYS B 66 -0.66 -8.27 7.39
C CYS B 66 -1.31 -6.89 7.39
N TYR B 67 -2.57 -6.84 7.80
CA TYR B 67 -3.28 -5.56 7.86
C TYR B 67 -4.44 -5.65 8.84
N PHE B 68 -4.35 -4.90 9.96
CA PHE B 68 -5.45 -4.79 10.91
C PHE B 68 -6.33 -3.63 10.54
N PRO B 69 -7.61 -3.62 10.97
CA PRO B 69 -8.56 -2.58 10.54
C PRO B 69 -8.15 -1.22 11.08
N ILE B 70 -8.63 -0.15 10.42
CA ILE B 70 -8.38 1.22 10.90
C ILE B 70 -9.10 1.53 12.20
N PHE B 71 -10.10 0.75 12.55
CA PHE B 71 -10.90 1.03 13.73
C PHE B 71 -10.45 0.20 14.92
N VAL B 72 -10.41 0.84 16.08
CA VAL B 72 -10.07 0.23 17.36
C VAL B 72 -11.24 0.48 18.30
N SER B 73 -11.83 -0.58 18.86
CA SER B 73 -12.83 -0.43 19.90
C SER B 73 -12.37 0.46 21.08
N ARG B 74 -13.32 1.12 21.74
CA ARG B 74 -12.98 1.77 22.99
C ARG B 74 -12.34 0.77 23.95
N ALA B 75 -12.98 -0.40 24.12
CA ALA B 75 -12.47 -1.37 25.07
C ALA B 75 -11.06 -1.85 24.71
N ALA B 76 -10.80 -2.07 23.43
CA ALA B 76 -9.44 -2.41 23.01
C ALA B 76 -8.43 -1.37 23.48
N LEU B 77 -8.69 -0.11 23.12
CA LEU B 77 -7.75 0.96 23.41
C LEU B 77 -7.57 1.19 24.90
N GLU B 78 -8.62 0.95 25.69
CA GLU B 78 -8.65 1.24 27.13
C GLU B 78 -8.37 -0.01 27.96
N ARG B 79 -7.10 -0.30 28.14
CA ARG B 79 -6.68 -1.38 29.03
C ARG B 79 -5.19 -1.32 29.33
N ASP B 86 -0.56 8.22 28.65
CA ASP B 86 -1.82 8.66 28.10
C ASP B 86 -1.59 9.73 27.03
N PHE B 87 -1.89 9.35 25.79
CA PHE B 87 -2.05 10.27 24.66
C PHE B 87 -3.52 10.54 24.39
N ALA B 88 -4.40 10.31 25.38
CA ALA B 88 -5.84 10.34 25.19
C ALA B 88 -6.32 11.54 24.37
N PRO B 89 -5.77 12.75 24.56
CA PRO B 89 -6.25 13.89 23.77
C PRO B 89 -5.96 13.81 22.28
N GLU B 90 -5.18 12.81 21.80
CA GLU B 90 -4.78 12.69 20.40
C GLU B 90 -5.64 11.71 19.60
N VAL B 91 -6.64 11.12 20.20
CA VAL B 91 -7.43 10.07 19.55
C VAL B 91 -8.63 10.67 18.80
N ALA B 92 -8.76 10.35 17.54
CA ALA B 92 -9.92 10.78 16.76
C ALA B 92 -11.01 9.74 16.92
N TRP B 93 -12.21 10.17 17.28
CA TRP B 93 -13.29 9.27 17.64
C TRP B 93 -14.44 9.32 16.64
N VAL B 94 -14.74 8.20 16.02
CA VAL B 94 -16.01 8.06 15.36
C VAL B 94 -17.04 7.79 16.44
N THR B 95 -18.08 8.61 16.45
CA THR B 95 -19.15 8.52 17.42
C THR B 95 -20.51 8.22 16.79
N LYS B 96 -20.62 8.37 15.46
CA LYS B 96 -21.87 8.45 14.73
C LYS B 96 -21.76 7.76 13.36
N SER B 97 -22.78 7.00 12.98
CA SER B 97 -22.89 6.44 11.63
C SER B 97 -24.05 7.14 10.94
N GLY B 98 -23.73 8.21 10.24
CA GLY B 98 -24.72 8.97 9.51
C GLY B 98 -25.42 9.90 10.46
N ASP B 99 -26.70 9.62 10.76
CA ASP B 99 -27.43 10.28 11.84
C ASP B 99 -27.58 9.41 13.06
N SER B 100 -27.44 8.10 12.92
CA SER B 100 -27.58 7.18 14.05
C SER B 100 -26.32 7.25 14.91
N GLU B 101 -26.49 7.55 16.19
CA GLU B 101 -25.38 7.60 17.11
C GLU B 101 -25.00 6.20 17.57
N LEU B 102 -23.69 5.95 17.69
CA LEU B 102 -23.15 4.61 17.88
C LEU B 102 -23.27 4.16 19.33
N ALA B 103 -23.57 2.87 19.53
CA ALA B 103 -23.66 2.31 20.86
C ALA B 103 -22.41 2.68 21.64
N GLU B 104 -21.27 2.15 21.24
CA GLU B 104 -19.96 2.57 21.71
C GLU B 104 -19.19 3.26 20.60
N PRO B 105 -18.39 4.28 20.90
CA PRO B 105 -17.53 4.89 19.87
C PRO B 105 -16.37 3.98 19.46
N ILE B 106 -15.91 4.16 18.22
CA ILE B 106 -14.74 3.45 17.75
C ILE B 106 -13.68 4.49 17.46
N ALA B 107 -12.41 4.11 17.60
CA ALA B 107 -11.31 5.05 17.50
C ALA B 107 -10.52 4.80 16.23
N VAL B 108 -10.07 5.83 15.59
CA VAL B 108 -9.26 5.68 14.44
C VAL B 108 -7.85 5.48 14.92
N ARG B 109 -7.21 4.44 14.48
CA ARG B 109 -5.94 4.11 15.00
C ARG B 109 -4.86 5.05 14.82
N PRO B 110 -4.06 5.19 15.82
CA PRO B 110 -2.87 5.94 16.05
C PRO B 110 -1.64 5.10 15.95
N THR B 111 -1.78 3.82 16.24
CA THR B 111 -0.81 2.76 16.26
C THR B 111 -1.57 1.50 16.60
N SER B 112 -0.98 0.35 16.47
CA SER B 112 -1.74 -0.90 16.58
C SER B 112 -1.32 -1.82 17.72
N GLU B 113 -0.53 -1.35 18.68
CA GLU B 113 -0.15 -2.22 19.79
C GLU B 113 -1.37 -2.83 20.45
N THR B 114 -2.33 -1.99 20.81
CA THR B 114 -3.58 -2.39 21.45
C THR B 114 -4.35 -3.45 20.67
N VAL B 115 -4.10 -3.60 19.38
CA VAL B 115 -4.85 -4.54 18.56
C VAL B 115 -4.00 -5.73 18.15
N MET B 116 -2.73 -5.47 17.84
CA MET B 116 -1.83 -6.54 17.45
C MET B 116 -1.38 -7.40 18.62
N TYR B 117 -1.24 -6.84 19.82
CA TYR B 117 -0.66 -7.70 20.86
C TYR B 117 -1.66 -8.73 21.39
N PRO B 118 -2.94 -8.39 21.54
CA PRO B 118 -3.90 -9.46 21.84
C PRO B 118 -3.90 -10.55 20.77
N ALA B 119 -3.84 -10.15 19.50
CA ALA B 119 -3.70 -11.16 18.45
C ALA B 119 -2.49 -12.03 18.71
N TYR B 120 -1.36 -11.42 19.09
CA TYR B 120 -0.14 -12.18 19.39
C TYR B 120 -0.34 -13.17 20.52
N ALA B 121 -1.08 -12.78 21.56
CA ALA B 121 -1.38 -13.74 22.62
C ALA B 121 -2.22 -14.90 22.08
N LYS B 122 -3.11 -14.63 21.12
CA LYS B 122 -3.94 -15.69 20.54
C LYS B 122 -3.15 -16.61 19.61
N TRP B 123 -2.15 -16.08 18.94
CA TRP B 123 -1.47 -16.82 17.91
C TRP B 123 -0.36 -17.68 18.48
N ILE B 124 0.15 -17.30 19.65
CA ILE B 124 1.21 -18.08 20.31
C ILE B 124 0.53 -19.12 21.20
N GLN B 125 0.26 -20.29 20.64
CA GLN B 125 -0.26 -21.38 21.43
C GLN B 125 0.85 -22.22 22.08
N SER B 126 2.08 -22.13 21.58
CA SER B 126 3.20 -22.93 22.11
C SER B 126 4.50 -22.18 21.83
N TYR B 127 5.59 -22.69 22.42
CA TYR B 127 6.91 -22.19 22.03
C TYR B 127 7.16 -22.36 20.55
N ARG B 128 6.51 -23.34 19.92
CA ARG B 128 6.75 -23.59 18.50
C ARG B 128 6.28 -22.44 17.61
N ASP B 129 5.40 -21.57 18.09
CA ASP B 129 4.92 -20.49 17.23
C ASP B 129 5.84 -19.27 17.18
N LEU B 130 6.96 -19.27 17.92
CA LEU B 130 7.80 -18.08 17.93
C LEU B 130 8.97 -18.27 17.00
N PRO B 131 9.44 -17.26 16.25
CA PRO B 131 9.09 -15.83 16.33
C PRO B 131 7.92 -15.32 15.52
N ILE B 132 7.31 -14.25 16.02
CA ILE B 132 6.32 -13.49 15.29
C ILE B 132 6.97 -12.23 14.76
N ARG B 133 6.87 -12.01 13.46
CA ARG B 133 7.52 -10.84 12.84
C ARG B 133 6.57 -10.30 11.78
N LEU B 134 5.74 -9.34 12.19
CA LEU B 134 4.73 -8.84 11.28
C LEU B 134 5.01 -7.37 11.02
N ASN B 135 4.63 -6.94 9.83
CA ASN B 135 4.77 -5.55 9.50
C ASN B 135 3.52 -5.08 8.79
N GLN B 136 3.14 -3.84 9.05
CA GLN B 136 2.01 -3.22 8.37
C GLN B 136 2.48 -1.95 7.69
N TRP B 137 2.18 -1.84 6.40
CA TRP B 137 2.19 -0.57 5.69
C TRP B 137 0.78 -0.04 5.77
N ASN B 138 0.57 1.01 6.56
CA ASN B 138 -0.78 1.53 6.70
C ASN B 138 -0.71 3.02 6.97
N ASN B 139 -1.89 3.61 7.18
CA ASN B 139 -2.06 5.00 7.52
C ASN B 139 -2.62 5.06 8.93
N VAL B 140 -2.16 6.05 9.70
CA VAL B 140 -2.62 6.21 11.07
C VAL B 140 -2.93 7.68 11.29
N VAL B 141 -3.81 7.93 12.24
CA VAL B 141 -4.30 9.26 12.50
C VAL B 141 -4.03 9.59 13.94
N ARG B 142 -3.33 10.70 14.15
CA ARG B 142 -3.08 11.26 15.46
C ARG B 142 -3.55 12.71 15.40
N TRP B 143 -4.46 13.09 16.29
CA TRP B 143 -4.96 14.45 16.25
C TRP B 143 -3.94 15.35 16.92
N GLU B 144 -2.84 15.59 16.19
CA GLU B 144 -1.69 16.26 16.78
C GLU B 144 -2.12 17.61 17.30
N PHE B 145 -1.69 17.93 18.53
CA PHE B 145 -1.90 19.28 19.06
C PHE B 145 -0.78 20.22 18.66
N LYS B 146 0.43 19.70 18.48
CA LYS B 146 1.53 20.53 18.05
C LYS B 146 1.24 21.02 16.63
N HIS B 147 1.83 22.12 16.24
CA HIS B 147 1.60 22.68 14.92
C HIS B 147 1.91 21.73 13.87
N PRO B 148 0.94 21.43 13.03
CA PRO B 148 1.18 20.47 11.95
C PRO B 148 1.93 21.11 10.78
N GLN B 149 2.85 20.34 10.19
CA GLN B 149 3.65 20.74 9.06
C GLN B 149 3.55 19.68 7.97
N PRO B 150 3.52 20.10 6.71
CA PRO B 150 3.02 19.21 5.65
C PRO B 150 3.68 17.86 5.53
N PHE B 151 4.97 17.69 5.80
CA PHE B 151 5.38 16.29 5.85
C PHE B 151 5.86 15.87 7.21
N LEU B 152 6.34 16.84 7.99
CA LEU B 152 6.94 16.58 9.30
C LEU B 152 5.91 16.10 10.31
N ARG B 153 4.74 16.72 10.35
CA ARG B 153 3.74 16.36 11.36
C ARG B 153 2.37 16.58 10.75
N THR B 154 1.80 15.52 10.22
CA THR B 154 0.48 15.53 9.63
C THR B 154 -0.45 14.69 10.50
N ARG B 155 -1.73 15.04 10.50
CA ARG B 155 -2.66 14.39 11.40
C ARG B 155 -2.99 12.99 10.94
N GLU B 156 -3.05 12.78 9.64
CA GLU B 156 -2.96 11.46 9.08
C GLU B 156 -1.59 11.34 8.44
N PHE B 157 -0.92 10.22 8.68
CA PHE B 157 0.33 9.96 7.97
C PHE B 157 0.43 8.48 7.66
N LEU B 158 1.15 8.19 6.60
CA LEU B 158 1.40 6.80 6.21
C LEU B 158 2.73 6.33 6.79
N TRP B 159 2.77 5.07 7.23
CA TRP B 159 4.00 4.54 7.79
C TRP B 159 3.98 3.03 7.79
N GLN B 160 5.05 2.43 8.31
CA GLN B 160 5.06 1.03 8.45
C GLN B 160 5.32 0.78 9.90
N GLU B 161 4.63 -0.17 10.49
CA GLU B 161 4.92 -0.45 11.87
C GLU B 161 5.12 -1.95 12.04
N GLY B 162 6.25 -2.34 12.61
CA GLY B 162 6.53 -3.74 12.76
C GLY B 162 6.57 -4.08 14.20
N HIS B 163 6.02 -5.22 14.57
CA HIS B 163 5.91 -5.71 15.90
C HIS B 163 6.35 -7.13 15.83
N THR B 164 7.25 -7.50 16.72
CA THR B 164 7.96 -8.75 16.71
C THR B 164 8.01 -9.29 18.13
N ALA B 165 7.96 -10.61 18.19
CA ALA B 165 7.96 -11.37 19.42
C ALA B 165 8.95 -12.50 19.26
N PHE B 166 9.75 -12.71 20.29
CA PHE B 166 10.96 -13.52 20.27
C PHE B 166 11.04 -14.35 21.53
N ALA B 167 11.65 -15.54 21.40
CA ALA B 167 11.87 -16.38 22.56
C ALA B 167 12.87 -15.75 23.53
N THR B 168 14.10 -15.50 23.08
CA THR B 168 15.11 -14.90 23.95
C THR B 168 15.46 -13.49 23.54
N GLN B 169 15.96 -12.73 24.54
CA GLN B 169 16.25 -11.30 24.38
C GLN B 169 17.34 -11.04 23.35
N LYS B 170 18.23 -12.00 23.11
CA LYS B 170 19.26 -11.80 22.11
C LYS B 170 18.66 -11.51 20.74
N GLU B 171 17.70 -12.32 20.31
CA GLU B 171 17.02 -12.06 19.04
C GLU B 171 16.47 -10.64 18.99
N ALA B 172 15.84 -10.19 20.08
CA ALA B 172 15.22 -8.88 20.10
C ALA B 172 16.26 -7.75 20.02
N ASP B 173 17.32 -7.81 20.83
CA ASP B 173 18.36 -6.79 20.75
C ASP B 173 18.95 -6.70 19.34
N GLU B 174 19.21 -7.86 18.74
CA GLU B 174 19.82 -7.87 17.41
C GLU B 174 18.88 -7.30 16.36
N GLU B 175 17.59 -7.64 16.44
CA GLU B 175 16.67 -7.11 15.44
C GLU B 175 16.49 -5.60 15.59
N VAL B 176 16.41 -5.10 16.83
CA VAL B 176 16.32 -3.65 17.01
C VAL B 176 17.45 -2.98 16.23
N LEU B 177 18.67 -3.47 16.45
CA LEU B 177 19.78 -2.80 15.80
C LEU B 177 19.79 -2.96 14.30
N THR B 178 19.37 -4.14 13.83
CA THR B 178 19.27 -4.41 12.40
C THR B 178 18.35 -3.41 11.73
N ILE B 179 17.13 -3.30 12.27
CA ILE B 179 16.14 -2.37 11.75
C ILE B 179 16.69 -0.93 11.79
N LEU B 180 17.42 -0.58 12.85
CA LEU B 180 17.94 0.78 12.91
C LEU B 180 18.94 1.05 11.80
N ASP B 181 19.80 0.07 11.52
CA ASP B 181 20.74 0.23 10.41
C ASP B 181 19.98 0.40 9.10
N LEU B 182 18.87 -0.31 8.94
CA LEU B 182 18.03 -0.13 7.76
C LEU B 182 17.51 1.30 7.65
N TYR B 183 17.01 1.83 8.76
CA TYR B 183 16.49 3.18 8.81
C TYR B 183 17.57 4.17 8.41
N ALA B 184 18.73 4.10 9.05
CA ALA B 184 19.85 4.97 8.71
C ALA B 184 20.23 4.84 7.23
N LYS B 185 20.13 3.63 6.65
CA LYS B 185 20.47 3.49 5.23
C LYS B 185 19.42 4.14 4.35
N VAL B 186 18.15 4.09 4.76
CA VAL B 186 17.13 4.85 4.04
C VAL B 186 17.53 6.31 3.99
N TYR B 187 18.07 6.81 5.09
CA TYR B 187 18.35 8.25 5.12
C TYR B 187 19.58 8.59 4.28
N THR B 188 20.65 7.81 4.41
CA THR B 188 21.90 8.23 3.79
C THR B 188 22.06 7.71 2.39
N ASP B 189 21.55 6.51 2.13
CA ASP B 189 21.70 5.85 0.84
C ASP B 189 20.56 6.14 -0.12
N LEU B 190 19.36 6.40 0.37
CA LEU B 190 18.28 6.78 -0.53
C LEU B 190 18.14 8.30 -0.63
N LEU B 191 18.09 9.00 0.50
CA LEU B 191 17.81 10.43 0.53
C LEU B 191 19.05 11.30 0.69
N ALA B 192 20.23 10.69 0.81
CA ALA B 192 21.50 11.42 0.89
C ALA B 192 21.50 12.40 2.07
N ILE B 193 21.02 11.91 3.20
CA ILE B 193 20.95 12.69 4.43
C ILE B 193 21.83 12.05 5.50
N PRO B 194 22.63 12.84 6.21
CA PRO B 194 23.38 12.30 7.35
C PRO B 194 22.53 12.27 8.61
N VAL B 195 22.68 11.19 9.38
CA VAL B 195 21.92 10.95 10.60
C VAL B 195 22.81 10.37 11.68
N VAL B 196 22.44 10.67 12.93
CA VAL B 196 23.11 10.18 14.12
C VAL B 196 22.27 9.06 14.74
N LYS B 197 22.84 7.85 14.79
CA LYS B 197 22.21 6.74 15.50
C LYS B 197 22.44 6.88 17.01
N GLY B 198 21.39 6.63 17.81
CA GLY B 198 21.60 6.64 19.25
C GLY B 198 20.49 5.97 20.04
N ARG B 199 20.68 5.96 21.36
CA ARG B 199 19.65 5.57 22.32
C ARG B 199 18.98 6.82 22.87
N LYS B 200 17.67 6.76 23.04
CA LYS B 200 16.98 7.88 23.67
C LYS B 200 17.11 7.76 25.19
N THR B 201 17.16 8.92 25.85
CA THR B 201 17.27 8.91 27.30
C THR B 201 16.04 8.27 27.93
N GLU B 202 16.15 8.00 29.23
CA GLU B 202 15.01 7.51 29.99
C GLU B 202 13.84 8.48 29.94
N LYS B 203 14.11 9.77 29.77
CA LYS B 203 13.02 10.74 29.62
C LYS B 203 12.37 10.64 28.23
N GLU B 204 13.15 10.35 27.20
CA GLU B 204 12.64 10.40 25.84
C GLU B 204 12.32 9.03 25.27
N LYS B 205 12.55 7.95 26.01
CA LYS B 205 12.24 6.62 25.48
C LYS B 205 10.73 6.45 25.32
N PHE B 206 10.34 5.38 24.62
CA PHE B 206 8.92 5.03 24.54
C PHE B 206 8.50 4.45 25.87
N ALA B 207 7.41 4.95 26.45
CA ALA B 207 7.13 4.66 27.86
C ALA B 207 6.96 3.16 28.11
N GLY B 208 6.16 2.50 27.30
CA GLY B 208 5.99 1.09 27.55
C GLY B 208 7.15 0.21 27.13
N GLY B 209 8.21 0.77 26.61
CA GLY B 209 9.35 0.03 26.16
C GLY B 209 10.40 -0.18 27.18
N ASP B 210 11.61 -0.50 26.78
CA ASP B 210 12.70 -0.74 27.67
C ASP B 210 13.65 0.30 27.32
N TYR B 211 14.08 0.24 26.08
CA TYR B 211 14.97 1.21 25.56
C TYR B 211 14.55 1.53 24.17
N THR B 212 15.01 2.66 23.70
CA THR B 212 14.58 3.05 22.36
C THR B 212 15.77 3.56 21.55
N THR B 213 15.96 3.00 20.35
CA THR B 213 16.93 3.50 19.38
C THR B 213 16.29 4.52 18.45
N THR B 214 17.12 5.43 17.95
CA THR B 214 16.62 6.44 17.04
C THR B 214 17.68 6.83 16.04
N VAL B 215 17.22 7.49 14.99
CA VAL B 215 18.03 7.98 13.89
C VAL B 215 17.65 9.45 13.77
N GLU B 216 18.52 10.32 14.28
CA GLU B 216 18.21 11.76 14.33
C GLU B 216 18.85 12.48 13.16
N ALA B 217 18.19 13.54 12.71
CA ALA B 217 18.68 14.38 11.64
C ALA B 217 18.51 15.83 12.07
N TYR B 218 19.27 16.73 11.44
CA TYR B 218 19.38 18.13 11.84
C TYR B 218 19.02 19.05 10.68
N ILE B 219 18.16 20.03 10.90
CA ILE B 219 17.83 21.05 9.91
C ILE B 219 18.58 22.32 10.30
N SER B 220 19.54 22.71 9.46
CA SER B 220 20.30 23.93 9.77
C SER B 220 19.43 25.16 9.63
N ALA B 221 18.57 25.17 8.61
CA ALA B 221 17.59 26.23 8.44
C ALA B 221 16.82 26.47 9.73
N SER B 222 16.18 25.43 10.24
CA SER B 222 15.42 25.53 11.48
C SER B 222 16.30 25.58 12.71
N GLY B 223 17.59 25.27 12.57
CA GLY B 223 18.42 25.15 13.76
C GLY B 223 17.93 24.07 14.71
N ARG B 224 17.16 23.12 14.20
CA ARG B 224 16.47 22.17 15.06
C ARG B 224 16.68 20.76 14.52
N ALA B 225 16.66 19.78 15.40
CA ALA B 225 16.79 18.40 15.00
C ALA B 225 15.43 17.72 14.97
N ILE B 226 15.37 16.55 14.34
CA ILE B 226 14.13 15.83 14.17
C ILE B 226 14.42 14.33 14.15
N GLN B 227 13.53 13.58 14.77
CA GLN B 227 13.61 12.14 14.79
C GLN B 227 13.17 11.60 13.44
N GLY B 228 14.02 10.77 12.81
CA GLY B 228 13.77 10.23 11.50
C GLY B 228 13.03 8.90 11.50
N ALA B 229 13.16 8.10 12.56
CA ALA B 229 12.47 6.82 12.73
C ALA B 229 12.78 6.30 14.13
N THR B 230 12.11 5.23 14.53
CA THR B 230 12.41 4.58 15.81
C THR B 230 12.37 3.08 15.69
N SER B 231 13.22 2.46 16.50
CA SER B 231 13.22 1.04 16.72
C SER B 231 13.34 0.86 18.23
N HIS B 232 12.30 0.35 18.87
CA HIS B 232 12.32 0.13 20.32
C HIS B 232 12.55 -1.34 20.58
N HIS B 233 13.14 -1.62 21.75
CA HIS B 233 13.12 -2.94 22.35
C HIS B 233 12.11 -2.89 23.48
N LEU B 234 11.02 -3.62 23.33
CA LEU B 234 9.95 -3.57 24.31
C LEU B 234 10.26 -4.42 25.51
N GLY B 235 11.14 -5.40 25.35
CA GLY B 235 11.43 -6.31 26.45
C GLY B 235 10.20 -7.14 26.75
N GLN B 236 9.91 -7.33 28.04
CA GLN B 236 8.77 -8.16 28.42
C GLN B 236 7.63 -7.33 28.98
N ASN B 237 7.67 -6.01 28.78
CA ASN B 237 6.67 -5.11 29.34
C ASN B 237 5.28 -5.42 28.79
N PHE B 238 5.15 -5.40 27.47
CA PHE B 238 3.84 -5.60 26.88
C PHE B 238 3.40 -7.04 27.02
N SER B 239 4.33 -7.99 26.85
CA SER B 239 3.95 -9.40 27.00
C SER B 239 3.39 -9.66 28.37
N ARG B 240 3.76 -8.85 29.36
CA ARG B 240 3.11 -8.91 30.65
C ARG B 240 1.76 -8.21 30.60
N MET B 241 1.70 -7.04 29.95
CA MET B 241 0.42 -6.35 29.84
C MET B 241 -0.62 -7.23 29.16
N PHE B 242 -0.29 -7.77 27.98
CA PHE B 242 -1.26 -8.46 27.13
C PHE B 242 -1.17 -9.97 27.21
N ASP B 243 -0.30 -10.49 28.06
CA ASP B 243 -0.29 -11.85 28.51
C ASP B 243 0.07 -12.78 27.35
N ILE B 244 1.05 -12.34 26.56
CA ILE B 244 1.63 -13.08 25.46
C ILE B 244 2.66 -13.99 26.09
N VAL B 245 2.24 -15.22 26.37
CA VAL B 245 3.07 -16.14 27.13
C VAL B 245 3.04 -17.47 26.42
N TYR B 246 3.96 -18.33 26.81
CA TYR B 246 3.98 -19.71 26.36
C TYR B 246 4.65 -20.51 27.47
N GLU B 247 4.38 -21.81 27.48
CA GLU B 247 4.97 -22.68 28.47
C GLU B 247 6.33 -23.16 27.98
N HIS B 248 7.29 -23.20 28.89
CA HIS B 248 8.61 -23.62 28.47
C HIS B 248 8.54 -25.06 27.99
N PRO B 249 9.20 -25.39 26.87
CA PRO B 249 9.14 -26.77 26.35
C PRO B 249 9.65 -27.77 27.37
N GLU B 250 10.83 -27.53 27.90
CA GLU B 250 11.39 -28.31 28.99
C GLU B 250 11.26 -27.47 30.24
N THR B 251 11.04 -28.14 31.37
CA THR B 251 10.84 -27.47 32.66
C THR B 251 9.69 -26.46 32.55
N LYS B 252 8.55 -26.98 32.09
CA LYS B 252 7.39 -26.17 31.72
C LYS B 252 7.02 -25.20 32.83
N GLU B 253 7.06 -23.92 32.47
CA GLU B 253 6.81 -22.80 33.36
C GLU B 253 6.48 -21.63 32.43
N LYS B 254 5.64 -20.73 32.94
CA LYS B 254 5.08 -19.65 32.12
C LYS B 254 6.17 -18.64 31.78
N GLU B 255 6.51 -18.56 30.50
CA GLU B 255 7.51 -17.61 30.02
C GLU B 255 6.87 -16.53 29.16
N TYR B 256 7.31 -15.29 29.38
CA TYR B 256 6.83 -14.15 28.60
C TYR B 256 7.80 -13.88 27.45
N VAL B 257 7.24 -13.59 26.29
CA VAL B 257 8.05 -13.38 25.11
C VAL B 257 8.68 -11.98 25.16
N PHE B 258 9.70 -11.79 24.32
CA PHE B 258 10.40 -10.53 24.21
C PHE B 258 9.95 -9.83 22.95
N GLN B 259 9.68 -8.54 23.05
CA GLN B 259 9.05 -7.86 21.95
C GLN B 259 9.88 -6.67 21.55
N ASN B 260 9.60 -6.23 20.36
CA ASN B 260 10.12 -5.07 19.70
C ASN B 260 9.06 -4.47 18.83
N SER B 261 9.12 -3.20 18.56
CA SER B 261 8.31 -2.54 17.55
C SER B 261 9.16 -1.46 16.90
N TRP B 262 8.87 -1.15 15.64
CA TRP B 262 9.64 -0.14 14.93
C TRP B 262 8.77 0.55 13.89
N GLY B 263 9.18 1.75 13.50
CA GLY B 263 8.38 2.51 12.57
C GLY B 263 9.07 3.64 11.82
N ILE B 264 8.54 3.89 10.63
CA ILE B 264 9.02 5.01 9.84
C ILE B 264 7.88 5.51 8.97
N THR B 265 7.88 6.82 8.71
CA THR B 265 6.74 7.48 8.10
C THR B 265 7.09 8.33 6.89
N THR B 266 6.11 9.03 6.36
CA THR B 266 6.35 9.99 5.31
C THR B 266 7.14 11.20 5.78
N ARG B 267 7.42 11.32 7.09
CA ARG B 267 8.21 12.46 7.56
C ARG B 267 9.51 12.56 6.78
N THR B 268 10.00 11.41 6.30
CA THR B 268 11.16 11.35 5.43
C THR B 268 11.13 12.43 4.37
N ILE B 269 10.02 12.52 3.64
CA ILE B 269 9.96 13.46 2.53
C ILE B 269 10.24 14.87 3.03
N GLY B 270 9.57 15.25 4.12
CA GLY B 270 9.79 16.55 4.69
C GLY B 270 11.25 16.76 5.04
N VAL B 271 11.87 15.76 5.68
CA VAL B 271 13.26 15.93 6.08
C VAL B 271 14.12 16.14 4.84
N MET B 272 13.86 15.35 3.79
CA MET B 272 14.56 15.56 2.53
C MET B 272 14.46 17.01 2.11
N ILE B 273 13.23 17.52 2.04
CA ILE B 273 13.06 18.91 1.61
C ILE B 273 13.94 19.82 2.42
N MET B 274 13.81 19.72 3.74
CA MET B 274 14.46 20.70 4.62
C MET B 274 15.96 20.67 4.47
N VAL B 275 16.50 19.50 4.13
CA VAL B 275 17.94 19.35 4.08
C VAL B 275 18.50 19.79 2.75
N HIS B 276 17.74 19.58 1.66
CA HIS B 276 18.28 19.71 0.30
C HIS B 276 17.73 20.86 -0.53
N ALA B 277 16.46 21.24 -0.36
CA ALA B 277 15.90 22.23 -1.29
C ALA B 277 16.58 23.58 -1.08
N ASP B 278 16.86 24.26 -2.19
CA ASP B 278 17.49 25.57 -2.19
C ASP B 278 16.45 26.65 -2.47
N ASN B 279 16.90 27.84 -2.86
CA ASN B 279 15.98 28.95 -3.07
C ASN B 279 15.40 28.95 -4.47
N GLN B 280 15.58 27.88 -5.24
CA GLN B 280 14.99 27.79 -6.56
C GLN B 280 14.08 26.57 -6.70
N GLY B 281 13.85 25.83 -5.62
CA GLY B 281 12.91 24.75 -5.62
C GLY B 281 13.50 23.53 -4.97
N LEU B 282 12.84 22.39 -5.21
CA LEU B 282 13.30 21.12 -4.70
C LEU B 282 14.67 20.75 -5.26
N VAL B 283 15.31 19.81 -4.57
CA VAL B 283 16.51 19.14 -5.05
C VAL B 283 16.40 17.67 -4.67
N LEU B 284 15.95 16.86 -5.59
CA LEU B 284 15.67 15.47 -5.28
C LEU B 284 16.96 14.63 -5.25
N PRO B 285 17.09 13.73 -4.28
CA PRO B 285 18.18 12.77 -4.31
C PRO B 285 17.97 11.80 -5.45
N PRO B 286 19.02 11.49 -6.20
CA PRO B 286 18.80 10.77 -7.46
C PRO B 286 18.09 9.45 -7.26
N ARG B 287 18.31 8.76 -6.13
CA ARG B 287 17.81 7.39 -5.96
C ARG B 287 16.35 7.34 -5.58
N VAL B 288 15.69 8.48 -5.47
CA VAL B 288 14.30 8.48 -5.16
C VAL B 288 13.53 9.39 -6.03
N ALA B 289 14.19 10.19 -6.82
CA ALA B 289 13.53 11.11 -7.65
C ALA B 289 12.76 10.38 -8.64
N CYS B 290 11.54 10.82 -8.82
CA CYS B 290 10.65 10.23 -9.77
C CYS B 290 11.23 10.15 -11.15
N ILE B 291 11.68 11.30 -11.64
CA ILE B 291 12.25 11.42 -12.93
C ILE B 291 13.62 11.85 -12.61
N GLN B 292 14.58 11.09 -13.01
CA GLN B 292 15.98 11.34 -12.71
C GLN B 292 16.65 12.23 -13.75
N VAL B 293 16.28 12.04 -15.01
CA VAL B 293 16.79 12.82 -16.13
C VAL B 293 15.58 13.33 -16.90
N VAL B 294 15.56 14.62 -17.24
CA VAL B 294 14.58 15.14 -18.19
C VAL B 294 15.26 15.82 -19.35
N ILE B 295 14.88 15.41 -20.57
CA ILE B 295 15.39 16.00 -21.80
C ILE B 295 14.50 17.17 -22.17
N VAL B 296 15.11 18.33 -22.45
CA VAL B 296 14.32 19.51 -22.79
C VAL B 296 14.82 20.03 -24.15
N PRO B 297 14.08 19.78 -25.23
CA PRO B 297 14.56 20.21 -26.54
C PRO B 297 14.52 21.72 -26.69
N CYS B 298 15.55 22.25 -27.35
CA CYS B 298 15.74 23.68 -27.52
C CYS B 298 16.29 23.93 -28.92
N GLY B 299 16.31 25.20 -29.30
CA GLY B 299 16.82 25.59 -30.59
C GLY B 299 15.73 25.77 -31.60
N ILE B 300 14.47 25.55 -31.21
CA ILE B 300 13.34 25.53 -32.12
C ILE B 300 12.87 26.98 -32.24
N THR B 301 13.51 27.74 -33.14
CA THR B 301 13.20 29.16 -33.35
C THR B 301 11.92 29.33 -34.15
N ALA B 302 11.68 30.55 -34.63
CA ALA B 302 10.53 30.80 -35.48
C ALA B 302 10.72 30.18 -36.86
N THR B 303 11.94 30.27 -37.40
CA THR B 303 12.25 29.75 -38.73
C THR B 303 12.62 28.27 -38.71
N THR B 304 12.04 27.49 -37.80
CA THR B 304 12.38 26.08 -37.65
C THR B 304 11.56 25.26 -38.64
N THR B 305 12.22 24.72 -39.67
CA THR B 305 11.54 23.87 -40.64
C THR B 305 11.04 22.62 -39.97
N ASP B 306 9.76 22.32 -40.18
CA ASP B 306 9.06 21.28 -39.41
C ASP B 306 9.80 19.95 -39.44
N ASP B 307 10.52 19.67 -40.54
CA ASP B 307 11.37 18.51 -40.60
C ASP B 307 12.43 18.55 -39.52
N GLU B 308 13.05 19.71 -39.32
CA GLU B 308 14.06 19.84 -38.28
C GLU B 308 13.45 19.67 -36.89
N ARG B 309 12.22 20.16 -36.67
CA ARG B 309 11.59 19.97 -35.36
C ARG B 309 11.28 18.51 -35.11
N ARG B 310 10.90 17.80 -36.17
CA ARG B 310 10.66 16.37 -36.05
C ARG B 310 11.94 15.59 -35.82
N ARG B 311 13.02 15.98 -36.51
CA ARG B 311 14.32 15.35 -36.36
C ARG B 311 14.82 15.51 -34.95
N LEU B 312 14.68 16.72 -34.41
CA LEU B 312 15.06 16.95 -33.03
C LEU B 312 14.24 16.07 -32.09
N TYR B 313 12.92 16.02 -32.29
CA TYR B 313 12.08 15.24 -31.39
C TYR B 313 12.45 13.76 -31.46
N GLU B 314 12.76 13.26 -32.66
CA GLU B 314 13.12 11.85 -32.86
C GLU B 314 14.38 11.52 -32.11
N SER B 315 15.35 12.42 -32.18
CA SER B 315 16.62 12.16 -31.50
C SER B 315 16.47 12.28 -29.99
N CYS B 316 15.61 13.18 -29.54
CA CYS B 316 15.38 13.30 -28.12
C CYS B 316 14.69 12.08 -27.58
N ARG B 317 13.74 11.53 -28.34
CA ARG B 317 13.05 10.34 -27.86
C ARG B 317 13.95 9.12 -27.89
N GLU B 318 14.84 9.05 -28.89
CA GLU B 318 15.80 7.96 -28.90
C GLU B 318 16.76 8.04 -27.72
N LEU B 319 17.21 9.25 -27.39
CA LEU B 319 18.08 9.41 -26.22
C LEU B 319 17.36 9.02 -24.95
N GLU B 320 16.11 9.46 -24.79
CA GLU B 320 15.40 9.14 -23.55
C GLU B 320 15.23 7.64 -23.39
N GLN B 321 14.93 6.94 -24.47
CA GLN B 321 14.70 5.51 -24.31
C GLN B 321 16.00 4.72 -24.14
N THR B 322 17.09 5.11 -24.81
CA THR B 322 18.35 4.46 -24.47
C THR B 322 18.76 4.74 -23.02
N PHE B 323 18.26 5.83 -22.41
CA PHE B 323 18.42 5.99 -20.97
C PHE B 323 17.58 4.99 -20.21
N VAL B 324 16.33 4.78 -20.65
CA VAL B 324 15.47 3.84 -19.94
C VAL B 324 16.06 2.44 -19.98
N LYS B 325 16.59 2.04 -21.13
CA LYS B 325 17.17 0.70 -21.26
C LYS B 325 18.39 0.52 -20.37
N ALA B 326 19.15 1.60 -20.13
CA ALA B 326 20.21 1.57 -19.14
C ALA B 326 19.68 1.85 -17.76
N GLY B 327 18.40 1.59 -17.51
CA GLY B 327 17.85 1.65 -16.18
C GLY B 327 17.72 3.03 -15.58
N ILE B 328 17.65 4.06 -16.38
CA ILE B 328 17.53 5.42 -15.88
C ILE B 328 16.09 5.89 -16.04
N ARG B 329 15.53 6.47 -14.98
CA ARG B 329 14.19 7.05 -15.06
C ARG B 329 14.35 8.38 -15.79
N CYS B 330 14.15 8.34 -17.10
CA CYS B 330 14.33 9.51 -17.94
C CYS B 330 13.04 9.77 -18.73
N GLU B 331 12.68 11.05 -18.82
CA GLU B 331 11.59 11.46 -19.68
C GLU B 331 11.97 12.74 -20.41
N GLY B 332 11.33 12.95 -21.55
CA GLY B 332 11.49 14.18 -22.30
C GLY B 332 10.30 15.10 -22.06
N ASP B 333 10.51 16.39 -22.22
CA ASP B 333 9.43 17.36 -22.12
C ASP B 333 9.26 18.01 -23.49
N TYR B 334 8.30 17.52 -24.30
CA TYR B 334 8.10 18.07 -25.63
C TYR B 334 6.74 18.73 -25.76
N ARG B 335 6.48 19.78 -24.99
CA ARG B 335 5.21 20.48 -25.06
C ARG B 335 5.42 21.73 -25.90
N ASP B 336 4.58 21.94 -26.91
CA ASP B 336 4.91 23.05 -27.80
C ASP B 336 4.40 24.40 -27.29
N ASN B 337 3.64 24.42 -26.20
CA ASN B 337 3.13 25.64 -25.57
C ASN B 337 4.10 26.33 -24.62
N TYR B 338 5.26 25.76 -24.31
CA TYR B 338 6.18 26.39 -23.37
C TYR B 338 7.56 26.63 -23.99
N SER B 339 8.22 27.67 -23.52
CA SER B 339 9.56 27.95 -23.98
C SER B 339 10.55 27.02 -23.30
N PRO B 340 11.73 26.80 -23.90
CA PRO B 340 12.73 25.98 -23.21
C PRO B 340 13.13 26.52 -21.85
N GLY B 341 13.17 27.84 -21.70
CA GLY B 341 13.49 28.40 -20.39
C GLY B 341 12.39 28.18 -19.39
N TRP B 342 11.13 28.27 -19.82
CA TRP B 342 10.03 27.90 -18.95
C TRP B 342 10.22 26.48 -18.46
N LYS B 343 10.48 25.54 -19.38
CA LYS B 343 10.69 24.13 -19.04
C LYS B 343 11.84 23.95 -18.08
N TYR B 344 12.95 24.67 -18.30
CA TYR B 344 14.07 24.75 -17.35
C TYR B 344 13.57 25.08 -15.94
N ASN B 345 12.82 26.17 -15.80
CA ASN B 345 12.39 26.57 -14.47
C ASN B 345 11.44 25.52 -13.88
N HIS B 346 10.47 25.08 -14.67
CA HIS B 346 9.51 24.10 -14.19
C HIS B 346 10.20 22.89 -13.57
N TRP B 347 11.07 22.26 -14.35
CA TRP B 347 11.75 21.11 -13.80
C TRP B 347 12.76 21.49 -12.73
N GLU B 348 13.24 22.73 -12.68
CA GLU B 348 14.11 23.11 -11.57
C GLU B 348 13.32 23.16 -10.26
N LEU B 349 12.05 23.55 -10.30
CA LEU B 349 11.22 23.51 -9.10
C LEU B 349 10.91 22.08 -8.69
N LYS B 350 10.74 21.20 -9.68
CA LYS B 350 10.49 19.80 -9.36
C LYS B 350 11.77 19.07 -8.97
N GLY B 351 12.91 19.73 -9.07
CA GLY B 351 14.14 19.17 -8.53
C GLY B 351 14.65 17.91 -9.17
N VAL B 352 14.36 17.71 -10.46
CA VAL B 352 14.88 16.57 -11.21
C VAL B 352 16.39 16.65 -11.24
N PRO B 353 17.10 15.60 -10.83
CA PRO B 353 18.54 15.74 -10.61
C PRO B 353 19.30 16.32 -11.80
N VAL B 354 19.09 15.77 -13.00
CA VAL B 354 19.81 16.24 -14.17
C VAL B 354 18.84 16.63 -15.28
N ARG B 355 19.01 17.83 -15.81
CA ARG B 355 18.32 18.26 -17.01
C ARG B 355 19.24 18.03 -18.20
N ILE B 356 18.67 17.53 -19.30
CA ILE B 356 19.40 17.43 -20.54
C ILE B 356 18.99 18.57 -21.45
N GLU B 357 19.97 19.24 -22.05
CA GLU B 357 19.78 20.26 -23.07
C GLU B 357 20.28 19.65 -24.38
N LEU B 358 19.36 19.49 -25.32
CA LEU B 358 19.67 18.88 -26.61
C LEU B 358 19.18 19.85 -27.68
N GLY B 359 20.12 20.64 -28.21
CA GLY B 359 19.83 21.55 -29.30
C GLY B 359 20.37 21.03 -30.61
N PHE B 360 20.21 21.87 -31.65
CA PHE B 360 20.65 21.46 -32.97
C PHE B 360 22.16 21.41 -33.06
N LYS B 361 22.86 22.33 -32.39
CA LYS B 361 24.32 22.32 -32.43
C LYS B 361 24.86 21.07 -31.74
N ASP B 362 24.26 20.70 -30.61
CA ASP B 362 24.63 19.45 -29.96
C ASP B 362 24.33 18.25 -30.86
N LEU B 363 23.24 18.31 -31.63
CA LEU B 363 22.93 17.23 -32.58
C LEU B 363 24.00 17.08 -33.64
N GLN B 364 24.44 18.21 -34.20
CA GLN B 364 25.48 18.18 -35.21
C GLN B 364 26.75 17.53 -34.70
N ASN B 365 26.91 17.49 -33.40
CA ASN B 365 28.08 16.93 -32.81
C ASN B 365 27.96 15.67 -32.04
N ASP B 366 26.87 14.98 -32.23
CA ASP B 366 26.60 13.69 -31.60
C ASP B 366 26.83 13.74 -30.09
N GLN B 367 26.23 14.73 -29.45
CA GLN B 367 26.43 14.96 -28.04
C GLN B 367 25.17 15.61 -27.47
N PHE B 368 25.25 15.99 -26.19
CA PHE B 368 24.19 16.69 -25.46
C PHE B 368 24.83 17.28 -24.22
N VAL B 369 24.17 18.25 -23.59
CA VAL B 369 24.72 18.84 -22.38
C VAL B 369 23.86 18.47 -21.19
N ALA B 370 24.49 18.02 -20.10
CA ALA B 370 23.81 17.67 -18.87
C ALA B 370 24.03 18.78 -17.85
N VAL B 371 22.95 19.17 -17.16
CA VAL B 371 22.98 20.24 -16.16
C VAL B 371 22.47 19.68 -14.84
N ARG B 372 23.23 19.91 -13.76
CA ARG B 372 22.90 19.36 -12.44
C ARG B 372 22.00 20.30 -11.64
N ARG B 373 21.03 19.72 -10.93
CA ARG B 373 20.12 20.56 -10.16
C ARG B 373 20.81 21.17 -8.96
N ASP B 374 21.75 20.44 -8.35
CA ASP B 374 22.62 20.97 -7.31
C ASP B 374 23.84 21.60 -7.98
N ASN B 375 24.13 22.84 -7.63
CA ASN B 375 25.29 23.59 -8.13
C ASN B 375 25.23 23.93 -9.63
N GLY B 376 24.25 23.38 -10.36
CA GLY B 376 23.96 23.87 -11.69
C GLY B 376 25.05 23.69 -12.71
N ALA B 377 26.00 22.79 -12.46
CA ALA B 377 27.12 22.62 -13.37
C ALA B 377 26.68 21.95 -14.64
N LYS B 378 27.14 22.51 -15.77
CA LYS B 378 26.90 21.96 -17.08
C LYS B 378 28.10 21.12 -17.50
N GLN B 379 27.85 20.13 -18.36
CA GLN B 379 28.92 19.27 -18.84
C GLN B 379 28.43 18.53 -20.08
N THR B 380 29.19 18.59 -21.16
CA THR B 380 28.79 17.99 -22.42
C THR B 380 29.25 16.54 -22.52
N ILE B 381 28.41 15.71 -23.16
CA ILE B 381 28.57 14.26 -23.21
C ILE B 381 28.20 13.77 -24.61
N LYS B 382 29.10 13.01 -25.24
CA LYS B 382 28.81 12.42 -26.53
C LYS B 382 27.81 11.28 -26.38
N ARG B 383 27.05 11.02 -27.45
CA ARG B 383 25.92 10.10 -27.30
C ARG B 383 26.38 8.67 -27.11
N ALA B 384 27.64 8.36 -27.40
CA ALA B 384 28.12 7.01 -27.15
C ALA B 384 28.23 6.76 -25.65
N GLN B 385 28.83 7.70 -24.95
CA GLN B 385 29.08 7.59 -23.52
C GLN B 385 27.85 7.85 -22.69
N ALA B 386 26.70 8.05 -23.34
CA ALA B 386 25.49 8.34 -22.62
C ALA B 386 25.18 7.29 -21.53
N THR B 387 25.21 6.00 -21.87
CA THR B 387 24.92 4.98 -20.85
C THR B 387 26.02 4.80 -19.80
N VAL B 388 27.21 5.36 -19.97
CA VAL B 388 28.23 5.25 -18.93
C VAL B 388 28.33 6.53 -18.10
N GLU B 389 28.39 7.70 -18.76
CA GLU B 389 28.53 8.94 -18.02
C GLU B 389 27.33 9.21 -17.13
N MET B 390 26.12 9.03 -17.68
CA MET B 390 24.92 9.43 -16.95
C MET B 390 24.80 8.73 -15.60
N PRO B 391 24.94 7.41 -15.48
CA PRO B 391 24.88 6.84 -14.14
C PRO B 391 25.98 7.37 -13.24
N LYS B 392 27.17 7.60 -13.79
CA LYS B 392 28.22 8.20 -12.96
C LYS B 392 27.72 9.52 -12.36
N LEU B 393 27.15 10.34 -13.20
CA LEU B 393 26.64 11.60 -12.78
C LEU B 393 25.59 11.47 -11.74
N LEU B 394 24.71 10.51 -11.83
CA LEU B 394 23.70 10.37 -10.81
C LEU B 394 24.32 10.02 -9.46
N GLU B 395 25.27 9.08 -9.47
CA GLU B 395 25.95 8.75 -8.22
C GLU B 395 26.72 9.97 -7.73
N THR B 396 27.44 10.63 -8.65
CA THR B 396 28.18 11.84 -8.29
C THR B 396 27.29 12.87 -7.61
N ILE B 397 26.06 13.01 -8.08
CA ILE B 397 25.16 13.98 -7.48
C ILE B 397 24.81 13.56 -6.06
N HIS B 398 24.45 12.29 -5.90
CA HIS B 398 24.10 11.75 -4.59
C HIS B 398 25.19 12.09 -3.58
N THR B 399 26.42 11.73 -3.91
CA THR B 399 27.52 11.93 -2.96
C THR B 399 27.66 13.40 -2.65
N SER B 400 27.61 14.24 -3.68
CA SER B 400 27.84 15.66 -3.48
C SER B 400 26.72 16.27 -2.67
N MET B 401 25.53 15.70 -2.75
CA MET B 401 24.46 16.14 -1.86
C MET B 401 24.76 15.69 -0.44
N TYR B 402 24.97 14.39 -0.25
CA TYR B 402 25.17 13.85 1.09
C TYR B 402 26.32 14.54 1.78
N GLU B 403 27.48 14.58 1.13
CA GLU B 403 28.63 15.22 1.74
C GLU B 403 28.32 16.67 2.05
N ARG B 404 27.65 17.37 1.13
CA ARG B 404 27.34 18.77 1.40
C ARG B 404 26.54 18.89 2.69
N ALA B 405 25.58 17.98 2.90
CA ALA B 405 24.81 17.99 4.14
C ALA B 405 25.64 17.51 5.33
N GLU B 406 26.52 16.54 5.12
CA GLU B 406 27.28 16.01 6.25
C GLU B 406 28.24 17.04 6.80
N ARG B 407 28.96 17.73 5.92
CA ARG B 407 29.79 18.84 6.37
C ARG B 407 28.92 19.86 7.09
N ASP B 408 27.71 20.06 6.59
CA ASP B 408 26.80 20.98 7.25
C ASP B 408 26.57 20.52 8.69
N LEU B 409 26.20 19.26 8.87
CA LEU B 409 26.00 18.72 10.20
C LEU B 409 27.26 18.88 11.03
N GLN B 410 28.42 18.55 10.46
CA GLN B 410 29.63 18.59 11.26
C GLN B 410 29.94 20.00 11.72
N SER B 411 29.49 21.00 10.98
CA SER B 411 29.74 22.37 11.39
C SER B 411 28.74 22.87 12.39
N HIS B 412 27.62 22.17 12.57
CA HIS B 412 26.66 22.54 13.61
C HIS B 412 26.74 21.67 14.85
N THR B 413 27.62 20.69 14.91
CA THR B 413 27.80 19.93 16.13
C THR B 413 29.07 20.39 16.84
N LYS B 414 28.89 20.85 18.05
CA LYS B 414 29.98 21.29 18.88
C LYS B 414 29.94 20.41 20.11
N LEU B 415 31.10 20.18 20.68
CA LEU B 415 31.23 19.34 21.85
C LEU B 415 31.73 20.23 22.95
N THR B 416 31.18 20.04 24.15
CA THR B 416 31.60 20.87 25.26
C THR B 416 31.30 20.16 26.56
N LYS B 417 32.03 20.57 27.59
CA LYS B 417 31.80 20.06 28.93
C LYS B 417 31.24 21.14 29.87
N GLN B 418 31.15 22.40 29.40
CA GLN B 418 30.57 23.50 30.16
C GLN B 418 29.25 24.08 29.68
N TRP B 419 28.35 24.16 30.64
CA TRP B 419 27.03 24.74 30.54
C TRP B 419 27.05 26.11 29.86
N ALA B 420 27.97 27.00 30.30
CA ALA B 420 28.02 28.34 29.75
C ALA B 420 28.18 28.30 28.24
N GLU B 421 29.19 27.57 27.77
CA GLU B 421 29.37 27.48 26.33
C GLU B 421 28.40 26.53 25.67
N PHE B 422 27.80 25.63 26.45
CA PHE B 422 26.65 24.88 25.98
C PHE B 422 25.54 25.83 25.53
N LEU B 423 25.22 26.80 26.39
CA LEU B 423 24.19 27.79 26.07
C LEU B 423 24.65 28.69 24.94
N GLN B 424 25.94 29.03 24.93
CA GLN B 424 26.49 29.78 23.81
C GLN B 424 26.20 29.06 22.50
N PHE B 425 26.66 27.81 22.40
CA PHE B 425 26.45 27.01 21.20
C PHE B 425 24.97 26.92 20.85
N LEU B 426 24.14 26.61 21.85
CA LEU B 426 22.71 26.45 21.58
C LEU B 426 22.15 27.70 20.96
N GLU B 427 22.45 28.86 21.54
CA GLU B 427 21.97 30.10 20.92
C GLU B 427 22.57 30.28 19.53
N THR B 428 23.79 29.79 19.30
CA THR B 428 24.35 29.90 17.94
C THR B 428 23.85 28.81 17.00
N LYS B 429 22.60 28.38 17.15
CA LYS B 429 21.88 27.67 16.09
C LYS B 429 22.55 26.33 15.77
N ASN B 430 23.05 25.65 16.80
CA ASN B 430 23.67 24.37 16.56
C ASN B 430 23.41 23.47 17.76
N ILE B 431 23.72 22.20 17.61
CA ILE B 431 23.44 21.26 18.67
C ILE B 431 24.75 20.79 19.27
N ILE B 432 24.67 20.27 20.50
CA ILE B 432 25.78 20.26 21.44
C ILE B 432 25.93 18.87 22.05
N MET B 433 27.15 18.37 22.05
CA MET B 433 27.46 17.10 22.65
C MET B 433 28.10 17.33 24.00
N ALA B 434 27.45 16.87 25.06
CA ALA B 434 28.00 17.13 26.38
C ALA B 434 27.86 15.91 27.26
N PRO B 435 28.69 15.79 28.28
CA PRO B 435 28.51 14.73 29.28
C PRO B 435 27.22 14.92 30.08
N PHE B 436 26.63 13.79 30.46
CA PHE B 436 25.32 13.79 31.09
C PHE B 436 25.18 12.56 31.97
N CYS B 437 24.44 12.75 33.07
CA CYS B 437 24.13 11.71 34.05
C CYS B 437 23.00 10.83 33.58
N GLY B 438 22.10 11.36 32.76
CA GLY B 438 20.96 10.62 32.27
C GLY B 438 19.70 10.81 33.06
N GLU B 439 19.81 11.37 34.26
CA GLU B 439 18.69 11.43 35.19
C GLU B 439 17.63 12.38 34.68
N ILE B 440 16.37 12.00 34.89
CA ILE B 440 15.28 12.71 34.25
C ILE B 440 15.10 14.08 34.85
N SER B 441 15.25 14.18 36.17
CA SER B 441 15.17 15.47 36.85
C SER B 441 16.15 16.47 36.24
N CYS B 442 17.38 16.02 36.02
CA CYS B 442 18.40 16.87 35.44
C CYS B 442 18.10 17.24 34.01
N GLU B 443 17.60 16.29 33.22
CA GLU B 443 17.23 16.57 31.85
C GLU B 443 16.16 17.66 31.78
N ASP B 444 15.17 17.56 32.67
CA ASP B 444 14.19 18.64 32.79
C ASP B 444 14.85 19.96 33.15
N ARG B 445 15.80 19.92 34.10
CA ARG B 445 16.44 21.16 34.53
C ARG B 445 17.21 21.82 33.40
N ILE B 446 17.90 21.01 32.58
CA ILE B 446 18.61 21.53 31.42
C ILE B 446 17.63 22.18 30.46
N LYS B 447 16.57 21.45 30.09
CA LYS B 447 15.60 22.05 29.16
C LYS B 447 15.03 23.34 29.73
N ALA B 448 14.75 23.36 31.04
CA ALA B 448 14.18 24.55 31.66
C ALA B 448 15.11 25.73 31.53
N GLU B 449 16.34 25.58 32.02
CA GLU B 449 17.26 26.70 32.12
C GLU B 449 17.90 27.08 30.80
N SER B 450 17.51 26.42 29.68
CA SER B 450 17.95 26.76 28.32
C SER B 450 17.01 27.68 27.51
N ALA B 451 15.74 27.80 27.89
CA ALA B 451 14.80 28.69 27.17
C ALA B 451 15.29 30.15 27.10
N MET B 464 11.72 25.46 22.58
CA MET B 464 12.67 26.57 22.56
C MET B 464 13.88 26.41 23.50
N GLY B 465 13.73 25.53 24.51
CA GLY B 465 14.85 25.11 25.32
C GLY B 465 15.49 23.89 24.71
N ALA B 466 16.55 23.40 25.36
CA ALA B 466 17.33 22.33 24.77
C ALA B 466 16.86 20.99 25.29
N LYS B 467 16.47 20.12 24.36
CA LYS B 467 16.00 18.77 24.63
C LYS B 467 17.13 17.78 24.37
N SER B 468 16.94 16.56 24.85
CA SER B 468 17.82 15.45 24.50
C SER B 468 17.42 14.84 23.16
N LEU B 469 18.41 14.62 22.28
CA LEU B 469 18.16 13.96 21.01
C LEU B 469 18.39 12.44 21.14
N CYS B 470 19.63 12.04 21.42
CA CYS B 470 19.91 10.65 21.77
C CYS B 470 21.32 10.59 22.42
N ILE B 471 21.53 9.49 23.11
CA ILE B 471 22.87 9.08 23.54
C ILE B 471 23.49 8.34 22.36
N PRO B 472 24.42 8.95 21.63
CA PRO B 472 24.88 8.36 20.37
C PRO B 472 25.62 7.06 20.60
N PHE B 473 25.62 6.23 19.57
CA PHE B 473 26.33 5.02 19.61
C PHE B 473 27.78 5.30 19.45
N GLU B 474 28.13 6.36 18.77
CA GLU B 474 29.51 6.68 18.62
C GLU B 474 29.87 7.76 19.56
N GLN B 475 30.61 7.41 20.59
CA GLN B 475 30.99 8.33 21.59
C GLN B 475 32.22 9.01 21.26
N PRO B 476 32.29 10.26 21.61
CA PRO B 476 33.43 11.13 21.42
C PRO B 476 34.64 10.67 22.18
N ALA B 477 34.40 10.24 23.39
CA ALA B 477 35.43 9.74 24.21
C ALA B 477 34.85 8.86 25.26
N LYS B 478 35.69 8.03 25.84
CA LYS B 478 35.26 7.19 26.92
C LYS B 478 35.13 8.08 28.14
N ILE B 479 34.18 7.81 29.01
CA ILE B 479 34.02 8.69 30.15
C ILE B 479 34.98 8.28 31.19
N ASP B 480 35.72 9.24 31.74
CA ASP B 480 36.68 9.03 32.82
C ASP B 480 35.88 9.29 34.03
N PRO B 481 35.69 8.30 34.86
CA PRO B 481 34.77 8.42 35.99
C PRO B 481 35.34 9.21 37.14
N LYS B 482 36.64 9.23 37.29
CA LYS B 482 37.20 9.99 38.37
C LYS B 482 37.15 11.48 38.08
N VAL B 483 37.09 11.83 36.80
CA VAL B 483 37.12 13.22 36.36
C VAL B 483 35.76 13.74 35.89
N ASP B 484 35.18 13.11 34.87
CA ASP B 484 34.01 13.65 34.16
C ASP B 484 32.80 13.85 35.05
N LYS B 485 32.12 14.96 34.85
CA LYS B 485 30.93 15.26 35.60
C LYS B 485 29.83 15.70 34.63
N CYS B 486 28.59 15.79 35.08
CA CYS B 486 27.48 16.19 34.23
C CYS B 486 27.55 17.63 33.85
N VAL B 487 26.81 18.01 32.84
CA VAL B 487 26.94 19.36 32.34
C VAL B 487 26.20 20.42 33.14
N HIS B 488 25.54 20.00 34.19
CA HIS B 488 24.78 20.89 35.04
C HIS B 488 25.27 20.83 36.49
N PRO B 489 24.81 21.76 37.32
CA PRO B 489 25.04 21.92 38.75
C PRO B 489 24.63 20.89 39.77
N ALA B 490 23.49 20.24 39.82
CA ALA B 490 23.32 19.24 40.88
C ALA B 490 23.58 17.82 40.39
N CYS B 491 22.63 17.34 39.53
CA CYS B 491 22.58 16.07 38.78
C CYS B 491 22.76 14.77 39.57
N GLY B 492 23.13 13.73 38.84
CA GLY B 492 23.70 12.53 39.39
C GLY B 492 25.19 12.71 39.60
N ARG B 493 25.68 13.93 39.36
CA ARG B 493 27.10 14.29 39.32
C ARG B 493 27.95 13.49 38.34
N VAL B 494 28.14 12.19 38.57
CA VAL B 494 29.03 11.40 37.71
C VAL B 494 28.43 11.30 36.32
N ALA B 495 29.26 11.52 35.30
CA ALA B 495 28.79 11.50 33.93
C ALA B 495 28.65 10.05 33.46
N LYS B 496 27.45 9.66 33.06
CA LYS B 496 27.30 8.33 32.60
C LYS B 496 27.72 8.20 31.16
N PHE B 497 27.50 9.20 30.33
CA PHE B 497 27.95 9.21 28.93
C PHE B 497 27.82 10.57 28.34
N TYR B 498 28.05 10.68 27.04
CA TYR B 498 27.79 11.93 26.32
C TYR B 498 26.45 11.84 25.62
N THR B 499 25.65 12.90 25.75
CA THR B 499 24.38 13.03 25.05
C THR B 499 24.43 14.22 24.11
N LEU B 500 23.73 14.03 23.00
CA LEU B 500 23.50 15.09 22.05
C LEU B 500 22.23 15.83 22.44
N PHE B 501 22.34 17.16 22.53
CA PHE B 501 21.23 18.01 22.90
C PHE B 501 21.00 19.09 21.85
N GLY B 502 19.76 19.58 21.80
CA GLY B 502 19.47 20.69 20.91
C GLY B 502 17.98 20.93 20.80
N ARG B 503 17.65 22.00 20.09
CA ARG B 503 16.26 22.27 19.74
C ARG B 503 15.75 21.21 18.76
N SER B 504 14.48 20.83 18.87
CA SER B 504 13.94 19.78 18.03
C SER B 504 12.53 20.09 17.57
N TYR B 505 12.07 19.30 16.61
CA TYR B 505 10.72 19.31 16.08
C TYR B 505 9.78 18.43 16.89
#